data_1CIW
#
_entry.id   1CIW
#
_cell.length_a   129.380
_cell.length_b   126.922
_cell.length_c   76.065
_cell.angle_alpha   90.00
_cell.angle_beta   90.00
_cell.angle_gamma   90.00
#
_symmetry.space_group_name_H-M   'P 21 21 2'
#
loop_
_entity.id
_entity.type
_entity.pdbx_description
1 polymer 'PROTEIN (PEANUT LECTIN)'
2 branched beta-D-galactopyranose-(1-4)-2-acetamido-2-deoxy-alpha-D-glucopyranose
3 non-polymer 'CALCIUM ION'
4 non-polymer 'MANGANESE (II) ION'
5 water water
#
_entity_poly.entity_id   1
_entity_poly.type   'polypeptide(L)'
_entity_poly.pdbx_seq_one_letter_code
;AETVSFNFNSFSEGNPAINFQGDVTVLSNGNIQLTNLNKVNSVGRVLYAMPVRIWSSATGNVASFLTSFSFEMKDIKDYD
PADGIIFFIAPEDTQIPAGSIGGGTLGVSDTKGAGHFVGVEFDTYSNSEYNDPPTDHVGIDVNSVDSVKTVPWNSVSGAV
VKVTVIYDSSTKTLSVAVTNDNGDITTIAQVVDLKAKLPERVKFGFSASGSLGGRQIHLIRSWSFTSTLITTTRRS
;
_entity_poly.pdbx_strand_id   A,B,C,D
#
loop_
_chem_comp.id
_chem_comp.type
_chem_comp.name
_chem_comp.formula
CA non-polymer 'CALCIUM ION' 'Ca 2'
GAL D-saccharide, beta linking beta-D-galactopyranose 'C6 H12 O6'
MN non-polymer 'MANGANESE (II) ION' 'Mn 2'
NDG D-saccharide, alpha linking 2-acetamido-2-deoxy-alpha-D-glucopyranose 'C8 H15 N O6'
#
# COMPACT_ATOMS: atom_id res chain seq x y z
N ALA A 1 15.33 2.67 5.33
CA ALA A 1 14.96 1.68 4.29
C ALA A 1 14.55 2.36 3.01
N GLU A 2 15.06 1.82 1.91
CA GLU A 2 14.82 2.34 0.57
C GLU A 2 13.89 1.32 -0.10
N THR A 3 12.64 1.71 -0.29
CA THR A 3 11.65 0.84 -0.90
C THR A 3 11.08 1.32 -2.23
N VAL A 4 10.93 0.37 -3.16
CA VAL A 4 10.38 0.62 -4.49
C VAL A 4 9.23 -0.37 -4.63
N SER A 5 8.04 0.14 -4.96
CA SER A 5 6.90 -0.75 -5.12
C SER A 5 5.90 -0.23 -6.16
N PHE A 6 5.40 -1.14 -7.00
CA PHE A 6 4.43 -0.77 -8.03
C PHE A 6 3.46 -1.93 -8.24
N ASN A 7 2.33 -1.64 -8.87
CA ASN A 7 1.31 -2.65 -9.09
C ASN A 7 0.54 -2.35 -10.36
N PHE A 8 0.60 -3.28 -11.31
CA PHE A 8 -0.09 -3.16 -12.60
C PHE A 8 -1.16 -4.22 -12.71
N ASN A 9 -2.42 -3.82 -12.78
CA ASN A 9 -3.53 -4.76 -12.92
C ASN A 9 -3.86 -4.86 -14.41
N SER A 10 -3.34 -3.89 -15.16
CA SER A 10 -3.54 -3.82 -16.59
C SER A 10 -2.46 -2.86 -17.10
N PHE A 11 -2.04 -3.03 -18.35
CA PHE A 11 -1.03 -2.17 -18.91
C PHE A 11 -1.60 -1.32 -20.02
N SER A 12 -0.89 -0.24 -20.37
CA SER A 12 -1.33 0.63 -21.45
C SER A 12 -0.10 1.14 -22.22
N GLU A 13 -0.29 1.42 -23.51
CA GLU A 13 0.76 1.93 -24.38
C GLU A 13 0.90 3.36 -23.96
N GLY A 14 2.08 3.85 -23.79
CA GLY A 14 2.19 5.24 -23.41
C GLY A 14 2.30 5.51 -21.94
N ASN A 15 2.67 4.48 -21.20
CA ASN A 15 2.87 4.62 -19.78
C ASN A 15 4.38 4.74 -19.62
N PRO A 16 4.87 5.90 -19.17
CA PRO A 16 6.30 6.18 -18.97
C PRO A 16 7.01 5.21 -18.05
N ALA A 17 6.26 4.49 -17.25
CA ALA A 17 6.81 3.53 -16.31
C ALA A 17 7.22 2.23 -16.94
N ILE A 18 6.84 2.05 -18.21
CA ILE A 18 7.13 0.80 -18.89
C ILE A 18 7.91 0.97 -20.18
N ASN A 19 8.91 0.11 -20.38
CA ASN A 19 9.74 0.12 -21.57
C ASN A 19 9.38 -1.07 -22.41
N PHE A 20 9.03 -0.84 -23.67
CA PHE A 20 8.71 -1.93 -24.57
C PHE A 20 9.89 -2.11 -25.51
N GLN A 21 10.30 -3.35 -25.71
CA GLN A 21 11.41 -3.64 -26.61
C GLN A 21 10.93 -4.76 -27.51
N GLY A 22 11.25 -4.67 -28.79
CA GLY A 22 10.83 -5.74 -29.69
C GLY A 22 9.37 -5.73 -30.14
N ASP A 23 8.86 -6.92 -30.42
CA ASP A 23 7.50 -7.10 -30.91
C ASP A 23 6.39 -6.98 -29.88
N VAL A 24 6.64 -6.27 -28.80
CA VAL A 24 5.64 -6.14 -27.76
C VAL A 24 4.44 -5.36 -28.27
N THR A 25 3.26 -5.69 -27.73
CA THR A 25 1.98 -5.12 -28.10
C THR A 25 1.02 -5.09 -26.90
N VAL A 26 0.33 -3.97 -26.69
CA VAL A 26 -0.61 -3.87 -25.60
C VAL A 26 -2.00 -4.06 -26.19
N LEU A 27 -2.66 -5.18 -25.84
CA LEU A 27 -3.99 -5.47 -26.36
C LEU A 27 -5.00 -4.51 -25.73
N SER A 28 -6.21 -4.48 -26.29
CA SER A 28 -7.28 -3.59 -25.80
C SER A 28 -7.81 -3.96 -24.44
N ASN A 29 -7.55 -5.20 -24.01
CA ASN A 29 -8.03 -5.64 -22.71
C ASN A 29 -7.03 -5.33 -21.58
N GLY A 30 -5.88 -4.75 -21.94
CA GLY A 30 -4.89 -4.41 -20.94
C GLY A 30 -3.72 -5.38 -20.85
N ASN A 31 -3.84 -6.51 -21.52
CA ASN A 31 -2.78 -7.50 -21.53
C ASN A 31 -1.69 -7.11 -22.51
N ILE A 32 -0.48 -7.56 -22.20
CA ILE A 32 0.68 -7.31 -23.03
C ILE A 32 0.90 -8.62 -23.77
N GLN A 33 1.01 -8.56 -25.08
CA GLN A 33 1.29 -9.74 -25.88
C GLN A 33 2.75 -9.52 -26.26
N LEU A 34 3.60 -10.43 -25.81
CA LEU A 34 5.03 -10.31 -26.05
C LEU A 34 5.58 -10.58 -27.44
N THR A 35 5.03 -11.54 -28.15
CA THR A 35 5.53 -11.83 -29.48
C THR A 35 4.55 -11.63 -30.62
N ASN A 36 5.09 -11.41 -31.82
CA ASN A 36 4.28 -11.23 -33.00
C ASN A 36 4.09 -12.60 -33.66
N LEU A 37 2.84 -13.05 -33.74
CA LEU A 37 2.48 -14.34 -34.31
C LEU A 37 2.81 -14.52 -35.80
N ASN A 38 3.00 -13.41 -36.52
CA ASN A 38 3.33 -13.42 -37.96
C ASN A 38 4.79 -13.17 -38.31
N LYS A 39 5.65 -13.06 -37.30
CA LYS A 39 7.06 -12.79 -37.53
C LYS A 39 7.90 -13.99 -37.23
N VAL A 40 8.89 -14.21 -38.09
CA VAL A 40 9.82 -15.28 -37.87
C VAL A 40 10.68 -14.76 -36.70
N ASN A 41 11.31 -15.68 -35.98
CA ASN A 41 12.17 -15.36 -34.83
C ASN A 41 11.78 -14.14 -34.01
N SER A 42 10.48 -14.02 -33.75
CA SER A 42 9.92 -12.91 -32.99
C SER A 42 10.43 -12.84 -31.56
N VAL A 43 10.68 -11.63 -31.07
CA VAL A 43 11.16 -11.41 -29.71
C VAL A 43 10.52 -10.14 -29.15
N GLY A 44 9.99 -10.22 -27.93
CA GLY A 44 9.35 -9.07 -27.33
C GLY A 44 9.65 -9.05 -25.85
N ARG A 45 9.98 -7.87 -25.32
CA ARG A 45 10.31 -7.75 -23.92
C ARG A 45 9.73 -6.46 -23.34
N VAL A 46 9.32 -6.52 -22.08
CA VAL A 46 8.77 -5.37 -21.39
C VAL A 46 9.53 -5.23 -20.08
N LEU A 47 9.96 -4.01 -19.75
CA LEU A 47 10.72 -3.80 -18.54
C LEU A 47 10.15 -2.64 -17.73
N TYR A 48 10.44 -2.60 -16.43
CA TYR A 48 10.00 -1.50 -15.57
C TYR A 48 11.03 -0.41 -15.87
N ALA A 49 10.52 0.73 -16.33
CA ALA A 49 11.36 1.85 -16.75
C ALA A 49 12.44 2.32 -15.80
N MET A 50 12.08 2.46 -14.54
CA MET A 50 13.03 2.92 -13.55
C MET A 50 13.98 1.83 -13.05
N PRO A 51 15.28 2.15 -12.94
CA PRO A 51 16.28 1.18 -12.48
C PRO A 51 16.09 1.01 -10.98
N VAL A 52 16.21 -0.21 -10.49
CA VAL A 52 16.06 -0.47 -9.08
C VAL A 52 17.47 -0.73 -8.58
N ARG A 53 17.83 -0.12 -7.47
CA ARG A 53 19.15 -0.33 -6.90
C ARG A 53 19.07 -1.53 -5.98
N ILE A 54 19.59 -2.69 -6.41
CA ILE A 54 19.52 -3.88 -5.59
C ILE A 54 20.56 -4.07 -4.57
N TRP A 55 21.67 -3.37 -4.69
CA TRP A 55 22.70 -3.51 -3.68
C TRP A 55 23.52 -2.25 -3.62
N SER A 56 24.12 -2.00 -2.47
CA SER A 56 24.91 -0.81 -2.24
C SER A 56 26.37 -1.10 -2.11
N SER A 57 27.18 -0.30 -2.78
CA SER A 57 28.62 -0.47 -2.72
C SER A 57 29.11 0.10 -1.39
N ALA A 58 28.38 1.08 -0.86
CA ALA A 58 28.71 1.71 0.43
C ALA A 58 28.66 0.70 1.58
N THR A 59 27.46 0.21 1.88
CA THR A 59 27.21 -0.79 2.92
C THR A 59 27.10 -2.02 2.05
N GLY A 60 27.74 -3.15 2.26
CA GLY A 60 27.51 -4.23 1.30
C GLY A 60 26.13 -4.88 1.32
N ASN A 61 25.09 -4.08 1.53
CA ASN A 61 23.73 -4.58 1.59
C ASN A 61 23.07 -4.93 0.28
N VAL A 62 22.29 -6.00 0.28
CA VAL A 62 21.54 -6.44 -0.89
C VAL A 62 20.07 -6.31 -0.49
N ALA A 63 19.20 -6.00 -1.45
CA ALA A 63 17.79 -5.83 -1.17
C ALA A 63 17.04 -7.15 -1.23
N SER A 64 15.93 -7.20 -0.51
CA SER A 64 15.07 -8.36 -0.51
C SER A 64 13.90 -7.94 -1.36
N PHE A 65 13.23 -8.87 -2.04
CA PHE A 65 12.07 -8.48 -2.82
C PHE A 65 10.97 -9.52 -2.86
N LEU A 66 9.74 -9.05 -3.06
CA LEU A 66 8.56 -9.87 -3.16
C LEU A 66 7.84 -9.39 -4.40
N THR A 67 7.54 -10.31 -5.31
CA THR A 67 6.86 -9.95 -6.55
C THR A 67 5.95 -11.10 -6.93
N SER A 68 4.84 -10.78 -7.58
CA SER A 68 3.92 -11.81 -8.04
C SER A 68 3.28 -11.29 -9.31
N PHE A 69 3.10 -12.19 -10.28
CA PHE A 69 2.52 -11.84 -11.57
C PHE A 69 1.73 -13.02 -12.13
N SER A 70 0.98 -12.78 -13.19
CA SER A 70 0.22 -13.86 -13.82
C SER A 70 0.27 -13.74 -15.33
N PHE A 71 0.43 -14.87 -15.99
CA PHE A 71 0.52 -14.89 -17.43
C PHE A 71 -0.39 -15.96 -18.03
N GLU A 72 -0.38 -16.05 -19.36
CA GLU A 72 -1.18 -17.02 -20.07
C GLU A 72 -0.53 -17.29 -21.42
N MET A 73 -0.42 -18.56 -21.77
CA MET A 73 0.15 -18.95 -23.04
C MET A 73 -0.94 -19.75 -23.71
N LYS A 74 -1.15 -19.46 -24.99
CA LYS A 74 -2.19 -20.12 -25.76
C LYS A 74 -1.72 -20.58 -27.13
N ASP A 75 -2.11 -21.80 -27.49
CA ASP A 75 -1.74 -22.39 -28.76
C ASP A 75 -2.44 -21.71 -29.93
N ILE A 76 -1.67 -21.51 -30.98
CA ILE A 76 -2.23 -20.97 -32.20
C ILE A 76 -2.03 -22.14 -33.13
N LYS A 77 -2.90 -22.22 -34.10
CA LYS A 77 -2.89 -23.25 -35.08
C LYS A 77 -1.66 -23.40 -35.97
N ASP A 78 -1.43 -24.67 -36.32
CA ASP A 78 -0.36 -25.05 -37.23
C ASP A 78 1.06 -24.77 -36.73
N TYR A 79 1.22 -24.20 -35.54
CA TYR A 79 2.53 -23.91 -35.02
C TYR A 79 2.80 -24.62 -33.71
N ASP A 80 4.07 -24.95 -33.49
CA ASP A 80 4.50 -25.58 -32.28
C ASP A 80 4.44 -24.54 -31.18
N PRO A 81 3.77 -24.86 -30.08
CA PRO A 81 3.66 -23.92 -28.97
C PRO A 81 5.06 -23.76 -28.37
N ALA A 82 5.74 -22.68 -28.76
CA ALA A 82 7.09 -22.39 -28.29
C ALA A 82 7.21 -20.86 -28.25
N ASP A 83 8.20 -20.32 -27.58
CA ASP A 83 9.18 -21.07 -26.79
C ASP A 83 9.07 -20.88 -25.28
N GLY A 84 8.26 -19.92 -24.85
CA GLY A 84 8.15 -19.70 -23.42
C GLY A 84 8.36 -18.27 -22.96
N ILE A 85 8.26 -18.03 -21.66
CA ILE A 85 8.39 -16.70 -21.05
C ILE A 85 9.49 -16.73 -19.99
N ILE A 86 10.11 -15.60 -19.70
CA ILE A 86 11.14 -15.53 -18.68
C ILE A 86 11.04 -14.20 -17.94
N PHE A 87 11.03 -14.27 -16.62
CA PHE A 87 11.00 -13.09 -15.76
C PHE A 87 12.47 -12.89 -15.45
N PHE A 88 13.03 -11.77 -15.87
CA PHE A 88 14.46 -11.55 -15.66
C PHE A 88 14.87 -10.25 -14.99
N ILE A 89 16.10 -10.25 -14.53
CA ILE A 89 16.71 -9.12 -13.85
C ILE A 89 18.00 -8.94 -14.63
N ALA A 90 18.19 -7.77 -15.21
CA ALA A 90 19.40 -7.51 -16.00
C ALA A 90 19.93 -6.07 -15.80
N PRO A 91 21.16 -5.78 -16.29
CA PRO A 91 21.77 -4.45 -16.17
C PRO A 91 20.85 -3.38 -16.74
N GLU A 92 20.92 -2.17 -16.21
CA GLU A 92 20.04 -1.10 -16.67
C GLU A 92 20.07 -0.75 -18.13
N ASP A 93 21.13 -1.16 -18.82
CA ASP A 93 21.28 -0.88 -20.26
C ASP A 93 20.87 -2.07 -21.15
N THR A 94 20.22 -3.06 -20.55
CA THR A 94 19.81 -4.26 -21.26
C THR A 94 18.97 -4.00 -22.51
N GLN A 95 19.37 -4.68 -23.58
CA GLN A 95 18.74 -4.59 -24.89
C GLN A 95 18.67 -6.00 -25.48
N ILE A 96 17.77 -6.20 -26.44
CA ILE A 96 17.64 -7.51 -27.08
C ILE A 96 18.95 -7.83 -27.77
N PRO A 97 19.51 -9.04 -27.57
CA PRO A 97 20.77 -9.43 -28.19
C PRO A 97 20.82 -9.11 -29.68
N ALA A 98 21.90 -8.48 -30.11
CA ALA A 98 22.10 -8.11 -31.50
C ALA A 98 22.05 -9.34 -32.38
N GLY A 99 21.12 -9.42 -33.32
CA GLY A 99 21.06 -10.60 -34.16
C GLY A 99 20.42 -11.81 -33.48
N SER A 100 19.51 -11.53 -32.56
CA SER A 100 18.82 -12.58 -31.83
C SER A 100 18.05 -13.51 -32.77
N ILE A 101 18.16 -14.82 -32.53
CA ILE A 101 17.45 -15.83 -33.32
C ILE A 101 16.13 -16.24 -32.64
N GLY A 102 15.75 -15.51 -31.60
CA GLY A 102 14.54 -15.81 -30.86
C GLY A 102 14.61 -17.23 -30.39
N GLY A 103 13.58 -18.02 -30.67
CA GLY A 103 13.56 -19.41 -30.27
C GLY A 103 13.99 -19.69 -28.83
N GLY A 104 14.80 -20.71 -28.66
CA GLY A 104 15.25 -21.10 -27.33
C GLY A 104 16.08 -20.12 -26.52
N THR A 105 16.45 -18.97 -27.10
CA THR A 105 17.24 -17.99 -26.37
C THR A 105 16.31 -17.15 -25.46
N LEU A 106 15.02 -17.31 -25.67
CA LEU A 106 13.97 -16.63 -24.92
C LEU A 106 14.11 -15.11 -24.97
N GLY A 107 14.89 -14.62 -25.93
CA GLY A 107 15.08 -13.19 -26.10
C GLY A 107 16.06 -12.53 -25.13
N VAL A 108 16.77 -13.32 -24.33
CA VAL A 108 17.72 -12.76 -23.36
C VAL A 108 19.17 -13.20 -23.55
N SER A 109 19.41 -14.20 -24.41
CA SER A 109 20.78 -14.66 -24.63
C SER A 109 21.17 -14.71 -26.11
N ASP A 110 22.43 -15.04 -26.36
CA ASP A 110 22.93 -15.13 -27.72
C ASP A 110 22.70 -16.56 -28.19
N THR A 111 23.26 -16.90 -29.34
CA THR A 111 23.11 -18.23 -29.93
C THR A 111 23.56 -19.41 -29.04
N LYS A 112 24.60 -19.21 -28.25
CA LYS A 112 25.09 -20.27 -27.37
C LYS A 112 24.25 -20.39 -26.11
N GLY A 113 23.42 -19.39 -25.91
CA GLY A 113 22.57 -19.34 -24.74
C GLY A 113 23.19 -18.56 -23.60
N ALA A 114 24.17 -17.71 -23.88
CA ALA A 114 24.85 -16.89 -22.87
C ALA A 114 24.34 -15.46 -22.86
N GLY A 115 24.45 -14.80 -21.71
CA GLY A 115 23.99 -13.42 -21.58
C GLY A 115 24.26 -12.93 -20.18
N HIS A 116 23.88 -11.69 -19.90
CA HIS A 116 24.08 -11.13 -18.56
C HIS A 116 22.70 -10.86 -17.96
N PHE A 117 22.25 -11.78 -17.11
CA PHE A 117 20.94 -11.69 -16.48
C PHE A 117 20.73 -12.82 -15.47
N VAL A 118 19.66 -12.71 -14.69
CA VAL A 118 19.27 -13.71 -13.71
C VAL A 118 17.76 -13.75 -13.92
N GLY A 119 17.17 -14.93 -13.97
CA GLY A 119 15.74 -15.00 -14.19
C GLY A 119 15.10 -16.35 -13.91
N VAL A 120 13.80 -16.42 -14.07
CA VAL A 120 13.00 -17.63 -13.83
C VAL A 120 12.30 -17.85 -15.17
N GLU A 121 12.53 -18.99 -15.80
CA GLU A 121 11.92 -19.31 -17.07
C GLU A 121 10.79 -20.33 -16.99
N PHE A 122 9.84 -20.20 -17.91
CA PHE A 122 8.68 -21.07 -18.02
C PHE A 122 8.77 -21.55 -19.45
N ASP A 123 9.69 -22.50 -19.64
CA ASP A 123 10.06 -23.08 -20.94
C ASP A 123 9.11 -24.15 -21.43
N THR A 124 8.55 -23.94 -22.62
CA THR A 124 7.60 -24.87 -23.22
C THR A 124 8.15 -25.64 -24.40
N TYR A 125 9.46 -25.58 -24.63
CA TYR A 125 10.08 -26.33 -25.71
C TYR A 125 11.49 -26.79 -25.31
N SER A 126 11.76 -28.07 -25.56
CA SER A 126 13.04 -28.68 -25.22
C SER A 126 14.16 -28.48 -26.23
N ASN A 127 15.05 -27.53 -25.95
CA ASN A 127 16.18 -27.26 -26.81
C ASN A 127 17.37 -28.02 -26.29
N SER A 128 17.71 -29.12 -26.96
CA SER A 128 18.83 -29.94 -26.55
C SER A 128 20.15 -29.17 -26.51
N GLU A 129 20.25 -28.14 -27.33
CA GLU A 129 21.46 -27.35 -27.40
C GLU A 129 21.70 -26.56 -26.13
N TYR A 130 20.65 -26.36 -25.34
CA TYR A 130 20.78 -25.66 -24.08
C TYR A 130 20.53 -26.63 -22.94
N ASN A 131 20.66 -27.92 -23.24
CA ASN A 131 20.46 -28.98 -22.26
C ASN A 131 19.11 -28.94 -21.53
N ASP A 132 18.08 -28.60 -22.28
CA ASP A 132 16.72 -28.53 -21.76
C ASP A 132 16.17 -29.89 -21.33
N PRO A 133 15.37 -29.93 -20.24
CA PRO A 133 14.78 -31.20 -19.78
C PRO A 133 13.80 -31.63 -20.87
N PRO A 134 13.46 -32.92 -20.91
CA PRO A 134 12.54 -33.44 -21.92
C PRO A 134 11.07 -33.03 -21.83
N THR A 135 10.69 -32.34 -20.75
CA THR A 135 9.32 -31.87 -20.58
C THR A 135 9.28 -30.36 -20.36
N ASP A 136 8.08 -29.80 -20.24
CA ASP A 136 7.92 -28.38 -19.97
C ASP A 136 8.56 -28.23 -18.59
N HIS A 137 9.00 -27.03 -18.24
CA HIS A 137 9.66 -26.89 -16.96
C HIS A 137 9.86 -25.46 -16.55
N VAL A 138 10.09 -25.26 -15.26
CA VAL A 138 10.38 -23.96 -14.70
C VAL A 138 11.86 -24.07 -14.36
N GLY A 139 12.64 -23.04 -14.64
CA GLY A 139 14.06 -23.11 -14.33
C GLY A 139 14.62 -21.78 -13.87
N ILE A 140 15.73 -21.85 -13.14
CA ILE A 140 16.39 -20.67 -12.63
C ILE A 140 17.62 -20.47 -13.50
N ASP A 141 17.69 -19.35 -14.22
CA ASP A 141 18.81 -19.07 -15.13
C ASP A 141 19.75 -18.00 -14.57
N VAL A 142 21.05 -18.27 -14.61
CA VAL A 142 22.04 -17.32 -14.13
C VAL A 142 23.03 -17.13 -15.25
N ASN A 143 22.84 -16.04 -15.99
CA ASN A 143 23.70 -15.69 -17.11
C ASN A 143 23.69 -16.75 -18.24
N SER A 144 22.62 -17.53 -18.35
CA SER A 144 22.55 -18.54 -19.40
C SER A 144 21.19 -19.22 -19.41
N VAL A 145 20.76 -19.71 -20.57
CA VAL A 145 19.48 -20.42 -20.65
C VAL A 145 19.65 -21.90 -20.42
N ASP A 146 20.86 -22.29 -20.03
CA ASP A 146 21.16 -23.66 -19.67
C ASP A 146 20.97 -23.52 -18.17
N SER A 147 19.72 -23.69 -17.75
CA SER A 147 19.33 -23.53 -16.35
C SER A 147 20.22 -24.18 -15.31
N VAL A 148 20.40 -23.44 -14.22
CA VAL A 148 21.19 -23.88 -13.09
C VAL A 148 20.42 -24.99 -12.38
N LYS A 149 19.09 -24.86 -12.39
CA LYS A 149 18.20 -25.81 -11.76
C LYS A 149 16.84 -25.73 -12.44
N THR A 150 16.22 -26.88 -12.69
CA THR A 150 14.89 -26.92 -13.31
C THR A 150 13.98 -27.87 -12.55
N VAL A 151 12.67 -27.70 -12.72
CA VAL A 151 11.67 -28.55 -12.08
C VAL A 151 10.61 -28.80 -13.16
N PRO A 152 10.13 -30.05 -13.30
CA PRO A 152 9.12 -30.36 -14.33
C PRO A 152 7.87 -29.56 -14.07
N TRP A 153 7.21 -29.16 -15.14
CA TRP A 153 6.00 -28.36 -15.04
C TRP A 153 5.15 -28.74 -16.23
N ASN A 154 3.95 -28.16 -16.33
CA ASN A 154 3.07 -28.48 -17.43
C ASN A 154 2.30 -27.24 -17.85
N SER A 155 2.56 -26.78 -19.06
CA SER A 155 1.90 -25.59 -19.58
C SER A 155 0.57 -25.95 -20.20
N VAL A 156 -0.48 -25.34 -19.68
CA VAL A 156 -1.82 -25.60 -20.19
C VAL A 156 -2.28 -24.42 -21.00
N SER A 157 -2.57 -24.68 -22.27
CA SER A 157 -3.04 -23.67 -23.20
C SER A 157 -4.28 -22.93 -22.68
N GLY A 158 -4.23 -21.61 -22.66
CA GLY A 158 -5.35 -20.82 -22.20
C GLY A 158 -5.58 -20.77 -20.70
N ALA A 159 -4.67 -21.36 -19.93
CA ALA A 159 -4.78 -21.36 -18.49
C ALA A 159 -4.02 -20.17 -17.91
N VAL A 160 -4.62 -19.52 -16.91
CA VAL A 160 -4.01 -18.38 -16.26
C VAL A 160 -3.17 -18.95 -15.13
N VAL A 161 -1.86 -18.69 -15.18
CA VAL A 161 -0.90 -19.18 -14.18
C VAL A 161 -0.49 -18.02 -13.28
N LYS A 162 -0.37 -18.28 -11.98
CA LYS A 162 0.04 -17.25 -11.02
C LYS A 162 1.35 -17.65 -10.41
N VAL A 163 2.24 -16.68 -10.27
CA VAL A 163 3.55 -16.94 -9.71
C VAL A 163 3.87 -15.97 -8.58
N THR A 164 4.59 -16.44 -7.57
CA THR A 164 5.02 -15.59 -6.47
C THR A 164 6.50 -15.87 -6.25
N VAL A 165 7.31 -14.82 -6.16
CA VAL A 165 8.74 -14.96 -5.98
C VAL A 165 9.20 -14.18 -4.78
N ILE A 166 10.09 -14.76 -3.99
CA ILE A 166 10.62 -14.08 -2.82
C ILE A 166 12.13 -14.25 -2.86
N TYR A 167 12.86 -13.17 -2.67
CA TYR A 167 14.30 -13.26 -2.63
C TYR A 167 14.69 -12.73 -1.27
N ASP A 168 15.34 -13.56 -0.47
CA ASP A 168 15.76 -13.15 0.86
C ASP A 168 17.22 -12.77 0.81
N SER A 169 17.50 -11.48 1.03
CA SER A 169 18.86 -10.97 0.99
C SER A 169 19.88 -11.74 1.83
N SER A 170 19.54 -12.03 3.09
CA SER A 170 20.48 -12.73 3.98
C SER A 170 20.94 -14.08 3.49
N THR A 171 19.99 -14.97 3.18
CA THR A 171 20.35 -16.28 2.69
C THR A 171 20.62 -16.28 1.20
N LYS A 172 20.29 -15.16 0.54
CA LYS A 172 20.47 -15.02 -0.90
C LYS A 172 19.69 -16.12 -1.60
N THR A 173 18.53 -16.46 -1.06
CA THR A 173 17.69 -17.52 -1.62
C THR A 173 16.56 -16.94 -2.46
N LEU A 174 16.42 -17.45 -3.68
CA LEU A 174 15.34 -17.03 -4.57
C LEU A 174 14.35 -18.18 -4.62
N SER A 175 13.12 -17.96 -4.14
CA SER A 175 12.12 -19.03 -4.18
C SER A 175 10.90 -18.63 -4.99
N VAL A 176 10.44 -19.59 -5.80
CA VAL A 176 9.31 -19.41 -6.71
C VAL A 176 8.17 -20.40 -6.40
N ALA A 177 6.95 -19.89 -6.40
CA ALA A 177 5.77 -20.72 -6.16
C ALA A 177 4.85 -20.47 -7.33
N VAL A 178 4.63 -21.51 -8.12
CA VAL A 178 3.78 -21.44 -9.29
C VAL A 178 2.48 -22.16 -9.02
N THR A 179 1.37 -21.44 -9.12
CA THR A 179 0.05 -21.99 -8.92
C THR A 179 -0.62 -22.27 -10.23
N ASN A 180 -0.62 -23.54 -10.62
CA ASN A 180 -1.26 -23.92 -11.85
C ASN A 180 -2.74 -23.71 -11.81
N ASP A 181 -3.36 -23.99 -12.94
CA ASP A 181 -4.78 -23.84 -13.15
C ASP A 181 -5.59 -24.83 -12.33
N ASN A 182 -5.09 -26.06 -12.21
CA ASN A 182 -5.80 -27.10 -11.47
C ASN A 182 -5.61 -27.07 -9.95
N GLY A 183 -5.04 -25.97 -9.45
CA GLY A 183 -4.86 -25.81 -8.02
C GLY A 183 -3.55 -26.30 -7.45
N ASP A 184 -2.84 -27.14 -8.19
CA ASP A 184 -1.56 -27.69 -7.74
C ASP A 184 -0.45 -26.65 -7.82
N ILE A 185 0.40 -26.58 -6.80
CA ILE A 185 1.52 -25.66 -6.82
C ILE A 185 2.83 -26.38 -7.13
N THR A 186 3.73 -25.66 -7.79
CA THR A 186 5.04 -26.15 -8.17
C THR A 186 6.01 -25.16 -7.55
N THR A 187 7.12 -25.63 -6.98
CA THR A 187 8.08 -24.71 -6.39
C THR A 187 9.51 -25.07 -6.79
N ILE A 188 10.38 -24.07 -6.74
CA ILE A 188 11.78 -24.24 -7.06
C ILE A 188 12.49 -23.12 -6.31
N ALA A 189 13.66 -23.41 -5.77
CA ALA A 189 14.42 -22.43 -5.01
C ALA A 189 15.87 -22.65 -5.32
N GLN A 190 16.66 -21.58 -5.26
CA GLN A 190 18.08 -21.66 -5.55
C GLN A 190 18.79 -20.49 -4.92
N VAL A 191 19.99 -20.72 -4.42
CA VAL A 191 20.78 -19.64 -3.83
C VAL A 191 21.50 -18.93 -4.95
N VAL A 192 21.23 -17.62 -5.07
CA VAL A 192 21.83 -16.79 -6.10
C VAL A 192 22.32 -15.51 -5.46
N ASP A 193 23.58 -15.19 -5.67
CA ASP A 193 24.15 -13.98 -5.13
C ASP A 193 24.04 -12.84 -6.14
N LEU A 194 22.99 -12.05 -6.01
CA LEU A 194 22.74 -10.93 -6.93
C LEU A 194 23.90 -9.94 -7.01
N LYS A 195 24.51 -9.67 -5.86
CA LYS A 195 25.63 -8.74 -5.79
C LYS A 195 26.83 -9.16 -6.63
N ALA A 196 27.04 -10.46 -6.76
CA ALA A 196 28.17 -10.95 -7.53
C ALA A 196 27.87 -11.15 -9.02
N LYS A 197 26.59 -11.29 -9.36
CA LYS A 197 26.21 -11.50 -10.73
C LYS A 197 25.68 -10.26 -11.45
N LEU A 198 25.14 -9.32 -10.69
CA LEU A 198 24.56 -8.12 -11.30
C LEU A 198 25.10 -6.80 -10.75
N PRO A 199 24.97 -5.71 -11.52
CA PRO A 199 25.46 -4.42 -11.04
C PRO A 199 24.53 -3.86 -9.97
N GLU A 200 24.88 -2.70 -9.43
CA GLU A 200 24.08 -2.04 -8.40
C GLU A 200 22.70 -1.68 -8.88
N ARG A 201 22.61 -1.24 -10.12
CA ARG A 201 21.35 -0.85 -10.69
C ARG A 201 20.92 -1.75 -11.81
N VAL A 202 19.76 -2.34 -11.64
CA VAL A 202 19.22 -3.25 -12.62
C VAL A 202 17.81 -2.89 -13.02
N LYS A 203 17.29 -3.63 -13.98
CA LYS A 203 15.94 -3.46 -14.47
C LYS A 203 15.27 -4.83 -14.49
N PHE A 204 14.03 -4.89 -14.02
CA PHE A 204 13.24 -6.11 -13.96
C PHE A 204 12.27 -6.12 -15.13
N GLY A 205 11.92 -7.30 -15.62
CA GLY A 205 10.98 -7.38 -16.72
C GLY A 205 10.68 -8.78 -17.21
N PHE A 206 9.96 -8.88 -18.33
CA PHE A 206 9.61 -10.15 -18.93
C PHE A 206 10.08 -10.19 -20.37
N SER A 207 10.29 -11.40 -20.88
CA SER A 207 10.72 -11.58 -22.26
C SER A 207 10.17 -12.91 -22.78
N ALA A 208 9.82 -12.96 -24.06
CA ALA A 208 9.31 -14.17 -24.68
C ALA A 208 9.77 -14.19 -26.13
N SER A 209 9.73 -15.35 -26.76
CA SER A 209 10.16 -15.47 -28.15
C SER A 209 9.59 -16.68 -28.85
N GLY A 210 9.82 -16.72 -30.16
CA GLY A 210 9.36 -17.83 -30.98
C GLY A 210 10.35 -18.05 -32.10
N SER A 211 10.09 -18.99 -32.98
CA SER A 211 11.00 -19.25 -34.09
C SER A 211 10.22 -19.18 -35.37
N LEU A 212 10.59 -20.00 -36.36
CA LEU A 212 9.87 -19.99 -37.62
C LEU A 212 8.68 -20.91 -37.48
N GLY A 213 8.90 -22.10 -36.96
CA GLY A 213 7.85 -23.08 -36.79
C GLY A 213 7.19 -23.07 -35.42
N GLY A 214 7.88 -22.53 -34.43
CA GLY A 214 7.32 -22.45 -33.10
C GLY A 214 6.81 -21.06 -32.77
N ARG A 215 5.51 -20.95 -32.57
CA ARG A 215 4.89 -19.67 -32.23
C ARG A 215 3.66 -19.95 -31.39
N GLN A 216 3.34 -19.03 -30.49
CA GLN A 216 2.19 -19.16 -29.61
C GLN A 216 1.96 -17.81 -28.95
N ILE A 217 0.80 -17.65 -28.32
CA ILE A 217 0.46 -16.41 -27.65
C ILE A 217 1.08 -16.38 -26.26
N HIS A 218 1.87 -15.33 -25.99
CA HIS A 218 2.53 -15.13 -24.70
C HIS A 218 1.95 -13.84 -24.13
N LEU A 219 1.20 -13.95 -23.04
CA LEU A 219 0.57 -12.79 -22.41
C LEU A 219 0.95 -12.52 -20.96
N ILE A 220 1.06 -11.25 -20.60
CA ILE A 220 1.34 -10.86 -19.22
C ILE A 220 0.05 -10.16 -18.81
N ARG A 221 -0.53 -10.58 -17.70
CA ARG A 221 -1.80 -10.00 -17.26
C ARG A 221 -1.75 -9.04 -16.12
N SER A 222 -0.82 -9.25 -15.19
CA SER A 222 -0.67 -8.36 -14.04
C SER A 222 0.73 -8.49 -13.46
N TRP A 223 1.11 -7.57 -12.57
CA TRP A 223 2.45 -7.61 -11.99
C TRP A 223 2.55 -6.63 -10.82
N SER A 224 2.91 -7.14 -9.64
CA SER A 224 3.11 -6.29 -8.47
C SER A 224 4.55 -6.56 -8.01
N PHE A 225 5.19 -5.56 -7.43
CA PHE A 225 6.57 -5.70 -7.03
C PHE A 225 6.89 -4.79 -5.87
N THR A 226 7.73 -5.26 -4.95
CA THR A 226 8.15 -4.50 -3.78
C THR A 226 9.53 -4.98 -3.36
N SER A 227 10.46 -4.03 -3.26
CA SER A 227 11.82 -4.37 -2.82
C SER A 227 12.18 -3.41 -1.72
N THR A 228 12.99 -3.88 -0.78
CA THR A 228 13.41 -3.03 0.31
C THR A 228 14.88 -3.24 0.58
N LEU A 229 15.64 -2.15 0.53
CA LEU A 229 17.07 -2.18 0.80
C LEU A 229 17.29 -1.49 2.12
N ILE A 230 17.96 -2.18 3.02
CA ILE A 230 18.26 -1.57 4.30
C ILE A 230 19.45 -0.63 4.09
N THR A 231 19.21 0.67 4.28
CA THR A 231 20.19 1.76 4.17
C THR A 231 20.61 2.07 5.60
N THR A 232 21.92 1.98 5.86
CA THR A 232 22.47 2.22 7.23
C THR A 232 23.87 1.62 7.59
N ALA B 1 -6.95 1.62 -14.72
CA ALA B 1 -6.43 2.88 -14.10
C ALA B 1 -4.92 2.79 -14.08
N GLU B 2 -4.27 3.91 -14.35
CA GLU B 2 -2.82 4.00 -14.39
C GLU B 2 -2.39 4.72 -13.13
N THR B 3 -1.80 3.98 -12.19
CA THR B 3 -1.39 4.56 -10.91
C THR B 3 0.11 4.54 -10.62
N VAL B 4 0.61 5.65 -10.11
CA VAL B 4 2.01 5.79 -9.74
C VAL B 4 2.03 6.15 -8.27
N SER B 5 2.78 5.41 -7.47
CA SER B 5 2.85 5.71 -6.05
C SER B 5 4.18 5.36 -5.41
N PHE B 6 4.64 6.22 -4.52
CA PHE B 6 5.90 6.02 -3.83
C PHE B 6 5.85 6.63 -2.43
N ASN B 7 6.77 6.21 -1.58
CA ASN B 7 6.79 6.71 -0.22
C ASN B 7 8.22 6.73 0.32
N PHE B 8 8.69 7.92 0.68
CA PHE B 8 10.04 8.07 1.20
C PHE B 8 9.94 8.54 2.63
N ASN B 9 10.50 7.77 3.56
CA ASN B 9 10.49 8.14 4.98
C ASN B 9 11.86 8.72 5.30
N SER B 10 12.79 8.54 4.37
CA SER B 10 14.15 9.04 4.51
C SER B 10 14.72 8.90 3.12
N PHE B 11 15.70 9.74 2.82
CA PHE B 11 16.34 9.75 1.51
C PHE B 11 17.82 9.36 1.60
N SER B 12 18.38 8.92 0.48
CA SER B 12 19.79 8.55 0.43
C SER B 12 20.40 8.97 -0.92
N GLU B 13 21.68 9.27 -0.93
CA GLU B 13 22.36 9.69 -2.14
C GLU B 13 22.55 8.42 -2.91
N GLY B 14 22.33 8.39 -4.19
CA GLY B 14 22.54 7.12 -4.88
C GLY B 14 21.28 6.32 -5.12
N ASN B 15 20.15 6.94 -4.86
CA ASN B 15 18.88 6.31 -5.10
C ASN B 15 18.46 6.77 -6.50
N PRO B 16 18.39 5.85 -7.47
CA PRO B 16 18.02 6.11 -8.87
C PRO B 16 16.66 6.78 -9.06
N ALA B 17 15.82 6.68 -8.03
CA ALA B 17 14.47 7.25 -8.04
C ALA B 17 14.46 8.73 -7.82
N ILE B 18 15.59 9.28 -7.42
CA ILE B 18 15.65 10.70 -7.14
C ILE B 18 16.72 11.46 -7.93
N ASN B 19 16.34 12.63 -8.41
CA ASN B 19 17.23 13.51 -9.16
C ASN B 19 17.62 14.67 -8.28
N PHE B 20 18.91 14.91 -8.15
CA PHE B 20 19.37 16.04 -7.34
C PHE B 20 19.89 17.08 -8.34
N GLN B 21 19.47 18.33 -8.16
CA GLN B 21 19.90 19.42 -9.00
C GLN B 21 20.39 20.50 -8.07
N GLY B 22 21.52 21.13 -8.39
CA GLY B 22 22.01 22.20 -7.54
C GLY B 22 22.75 21.79 -6.28
N ASP B 23 22.67 22.65 -5.29
CA ASP B 23 23.35 22.48 -4.01
C ASP B 23 22.71 21.48 -3.04
N VAL B 24 21.97 20.52 -3.56
CA VAL B 24 21.29 19.55 -2.71
C VAL B 24 22.32 18.65 -2.00
N THR B 25 21.95 18.19 -0.82
CA THR B 25 22.81 17.38 0.01
C THR B 25 21.95 16.46 0.87
N VAL B 26 22.31 15.18 0.95
CA VAL B 26 21.56 14.26 1.77
C VAL B 26 22.32 14.12 3.09
N LEU B 27 21.70 14.54 4.19
CA LEU B 27 22.33 14.46 5.51
C LEU B 27 22.35 13.01 6.01
N SER B 28 23.17 12.73 7.02
CA SER B 28 23.30 11.38 7.57
C SER B 28 22.04 10.83 8.22
N ASN B 29 21.13 11.72 8.62
CA ASN B 29 19.86 11.32 9.24
C ASN B 29 18.74 11.05 8.21
N GLY B 30 19.09 11.08 6.93
CA GLY B 30 18.10 10.82 5.88
C GLY B 30 17.42 12.05 5.31
N ASN B 31 17.58 13.19 5.96
CA ASN B 31 16.99 14.42 5.49
C ASN B 31 17.77 14.98 4.30
N ILE B 32 17.05 15.72 3.47
CA ILE B 32 17.62 16.37 2.30
C ILE B 32 17.74 17.84 2.70
N GLN B 33 18.94 18.40 2.56
CA GLN B 33 19.15 19.82 2.84
C GLN B 33 19.25 20.44 1.45
N LEU B 34 18.31 21.33 1.13
CA LEU B 34 18.25 21.90 -0.20
C LEU B 34 19.26 22.97 -0.61
N THR B 35 19.70 23.80 0.32
CA THR B 35 20.64 24.85 -0.06
C THR B 35 21.96 24.76 0.71
N ASN B 36 22.99 25.37 0.15
CA ASN B 36 24.30 25.39 0.79
C ASN B 36 24.39 26.67 1.59
N LEU B 37 24.58 26.55 2.90
CA LEU B 37 24.66 27.71 3.77
C LEU B 37 25.86 28.62 3.56
N ASN B 38 26.85 28.17 2.79
CA ASN B 38 28.09 28.94 2.52
C ASN B 38 28.19 29.50 1.12
N LYS B 39 27.19 29.24 0.28
CA LYS B 39 27.22 29.75 -1.09
C LYS B 39 26.33 30.95 -1.26
N VAL B 40 26.73 31.83 -2.17
CA VAL B 40 25.94 33.01 -2.46
C VAL B 40 24.91 32.50 -3.46
N ASN B 41 23.73 33.08 -3.43
CA ASN B 41 22.65 32.72 -4.35
C ASN B 41 22.46 31.20 -4.57
N SER B 42 22.57 30.46 -3.48
CA SER B 42 22.44 29.00 -3.50
C SER B 42 21.05 28.54 -3.95
N VAL B 43 21.00 27.45 -4.71
CA VAL B 43 19.75 26.87 -5.20
C VAL B 43 19.89 25.35 -5.26
N GLY B 44 18.93 24.65 -4.66
CA GLY B 44 18.94 23.19 -4.64
C GLY B 44 17.55 22.65 -4.91
N ARG B 45 17.45 21.59 -5.69
CA ARG B 45 16.15 21.02 -6.05
C ARG B 45 16.26 19.53 -6.13
N VAL B 46 15.19 18.86 -5.77
CA VAL B 46 15.14 17.41 -5.79
C VAL B 46 13.86 17.01 -6.52
N LEU B 47 13.96 16.08 -7.45
CA LEU B 47 12.79 15.66 -8.21
C LEU B 47 12.62 14.15 -8.22
N TYR B 48 11.42 13.67 -8.44
CA TYR B 48 11.20 12.25 -8.53
C TYR B 48 11.69 11.95 -9.95
N ALA B 49 12.62 11.02 -10.05
CA ALA B 49 13.24 10.67 -11.33
C ALA B 49 12.32 10.26 -12.47
N MET B 50 11.26 9.56 -12.14
CA MET B 50 10.35 9.08 -13.16
C MET B 50 9.30 10.09 -13.55
N PRO B 51 9.12 10.33 -14.84
CA PRO B 51 8.11 11.30 -15.26
C PRO B 51 6.74 10.68 -15.05
N VAL B 52 5.81 11.47 -14.56
CA VAL B 52 4.45 11.02 -14.33
C VAL B 52 3.58 11.59 -15.46
N ARG B 53 2.81 10.73 -16.11
CA ARG B 53 1.92 11.16 -17.16
C ARG B 53 0.65 11.63 -16.46
N ILE B 54 0.50 12.94 -16.35
CA ILE B 54 -0.60 13.63 -15.65
C ILE B 54 -1.88 13.79 -16.52
N TRP B 55 -1.78 13.73 -17.86
CA TRP B 55 -2.96 13.82 -18.70
C TRP B 55 -2.71 13.12 -20.02
N SER B 56 -3.77 12.71 -20.68
CA SER B 56 -3.65 11.97 -21.92
C SER B 56 -4.23 12.75 -23.08
N SER B 57 -3.49 12.77 -24.18
CA SER B 57 -3.95 13.42 -25.40
C SER B 57 -5.02 12.56 -26.07
N ALA B 58 -4.94 11.25 -25.87
CA ALA B 58 -5.90 10.33 -26.44
C ALA B 58 -7.30 10.56 -25.84
N THR B 59 -7.41 10.41 -24.52
CA THR B 59 -8.69 10.58 -23.86
C THR B 59 -8.97 11.95 -23.31
N GLY B 60 -8.02 12.80 -23.11
CA GLY B 60 -8.31 14.12 -22.57
C GLY B 60 -8.52 14.06 -21.07
N ASN B 61 -8.23 12.91 -20.48
CA ASN B 61 -8.35 12.68 -19.05
C ASN B 61 -7.16 13.32 -18.34
N VAL B 62 -7.40 13.79 -17.13
CA VAL B 62 -6.36 14.40 -16.30
C VAL B 62 -6.36 13.54 -15.04
N ALA B 63 -5.18 13.35 -14.44
CA ALA B 63 -5.06 12.55 -13.24
C ALA B 63 -5.38 13.30 -11.98
N SER B 64 -5.75 12.57 -10.95
CA SER B 64 -6.04 13.15 -9.64
C SER B 64 -4.87 12.67 -8.82
N PHE B 65 -4.46 13.46 -7.83
CA PHE B 65 -3.37 13.02 -6.99
C PHE B 65 -3.48 13.42 -5.52
N LEU B 66 -2.89 12.61 -4.67
CA LEU B 66 -2.87 12.84 -3.24
C LEU B 66 -1.39 12.71 -2.88
N THR B 67 -0.87 13.71 -2.17
CA THR B 67 0.51 13.72 -1.74
C THR B 67 0.61 14.45 -0.41
N SER B 68 1.58 14.05 0.40
CA SER B 68 1.78 14.68 1.69
C SER B 68 3.27 14.58 2.02
N PHE B 69 3.82 15.62 2.60
CA PHE B 69 5.24 15.66 2.94
C PHE B 69 5.43 16.54 4.17
N SER B 70 6.65 16.55 4.69
CA SER B 70 6.93 17.37 5.86
C SER B 70 8.34 17.93 5.74
N PHE B 71 8.48 19.20 6.10
CA PHE B 71 9.74 19.88 6.02
C PHE B 71 10.05 20.63 7.31
N GLU B 72 11.18 21.31 7.32
CA GLU B 72 11.63 22.06 8.47
C GLU B 72 12.58 23.12 7.98
N MET B 73 12.40 24.33 8.46
CA MET B 73 13.27 25.44 8.10
C MET B 73 13.83 25.94 9.41
N LYS B 74 15.14 26.20 9.46
CA LYS B 74 15.74 26.68 10.70
C LYS B 74 16.67 27.85 10.46
N ASP B 75 16.68 28.78 11.41
CA ASP B 75 17.50 29.98 11.32
C ASP B 75 18.94 29.65 11.61
N ILE B 76 19.80 30.29 10.82
CA ILE B 76 21.22 30.16 11.01
C ILE B 76 21.59 31.58 11.37
N LYS B 77 22.68 31.71 12.11
CA LYS B 77 23.15 32.96 12.58
C LYS B 77 23.61 34.00 11.58
N ASP B 78 23.42 35.26 11.98
CA ASP B 78 23.82 36.39 11.15
C ASP B 78 23.14 36.52 9.78
N TYR B 79 22.28 35.59 9.39
CA TYR B 79 21.61 35.70 8.12
C TYR B 79 20.10 35.82 8.23
N ASP B 80 19.50 36.46 7.24
CA ASP B 80 18.06 36.63 7.16
C ASP B 80 17.49 35.28 6.77
N PRO B 81 16.53 34.77 7.54
CA PRO B 81 15.92 33.48 7.21
C PRO B 81 15.14 33.68 5.93
N ALA B 82 15.74 33.24 4.81
CA ALA B 82 15.16 33.35 3.48
C ALA B 82 15.75 32.23 2.62
N ASP B 83 15.13 31.89 1.49
CA ASP B 83 13.90 32.52 1.02
C ASP B 83 12.66 31.64 1.10
N GLY B 84 12.84 30.34 1.30
CA GLY B 84 11.69 29.45 1.40
C GLY B 84 11.76 28.18 0.56
N ILE B 85 10.67 27.41 0.58
CA ILE B 85 10.57 26.14 -0.15
C ILE B 85 9.37 26.16 -1.09
N ILE B 86 9.43 25.39 -2.18
CA ILE B 86 8.33 25.31 -3.14
C ILE B 86 8.17 23.87 -3.66
N PHE B 87 6.95 23.34 -3.57
CA PHE B 87 6.63 22.01 -4.07
C PHE B 87 6.13 22.31 -5.48
N PHE B 88 6.84 21.83 -6.50
CA PHE B 88 6.44 22.15 -7.86
C PHE B 88 6.24 20.98 -8.80
N ILE B 89 5.53 21.26 -9.89
CA ILE B 89 5.22 20.33 -10.97
C ILE B 89 5.72 21.04 -12.22
N ALA B 90 6.68 20.45 -12.93
CA ALA B 90 7.21 21.10 -14.11
C ALA B 90 7.42 20.08 -15.24
N PRO B 91 7.74 20.56 -16.46
CA PRO B 91 7.96 19.67 -17.60
C PRO B 91 9.11 18.70 -17.32
N GLU B 92 9.09 17.55 -18.00
CA GLU B 92 10.09 16.53 -17.77
C GLU B 92 11.56 16.89 -17.97
N ASP B 93 11.79 17.97 -18.71
CA ASP B 93 13.15 18.46 -18.95
C ASP B 93 13.60 19.63 -18.05
N THR B 94 12.82 19.91 -17.03
CA THR B 94 13.09 20.98 -16.10
C THR B 94 14.51 20.98 -15.51
N GLN B 95 15.13 22.16 -15.55
CA GLN B 95 16.46 22.41 -15.03
C GLN B 95 16.44 23.77 -14.30
N ILE B 96 17.38 23.99 -13.39
CA ILE B 96 17.46 25.25 -12.66
C ILE B 96 17.68 26.34 -13.71
N PRO B 97 16.90 27.44 -13.67
CA PRO B 97 17.03 28.55 -14.63
C PRO B 97 18.50 28.94 -14.87
N ALA B 98 18.84 29.16 -16.14
CA ALA B 98 20.19 29.51 -16.58
C ALA B 98 21.02 30.52 -15.79
N GLY B 99 20.62 31.71 -15.44
CA GLY B 99 21.53 32.51 -14.63
C GLY B 99 20.84 32.79 -13.31
N SER B 100 20.30 31.74 -12.70
CA SER B 100 19.57 31.89 -11.47
C SER B 100 20.22 32.73 -10.41
N ILE B 101 19.45 33.68 -9.90
CA ILE B 101 19.92 34.57 -8.84
C ILE B 101 19.45 34.04 -7.47
N GLY B 102 18.85 32.85 -7.46
CA GLY B 102 18.35 32.27 -6.23
C GLY B 102 17.37 33.24 -5.62
N GLY B 103 17.54 33.51 -4.33
CA GLY B 103 16.68 34.45 -3.66
C GLY B 103 15.20 34.22 -3.86
N GLY B 104 14.47 35.31 -4.15
CA GLY B 104 13.04 35.23 -4.33
C GLY B 104 12.52 34.44 -5.52
N THR B 105 13.38 33.94 -6.38
CA THR B 105 12.92 33.14 -7.53
C THR B 105 12.62 31.72 -7.09
N LEU B 106 13.03 31.40 -5.86
CA LEU B 106 12.84 30.08 -5.25
C LEU B 106 13.44 28.94 -6.08
N GLY B 107 14.34 29.29 -7.00
CA GLY B 107 14.99 28.30 -7.85
C GLY B 107 14.16 27.76 -9.02
N VAL B 108 12.96 28.31 -9.24
CA VAL B 108 12.11 27.84 -10.34
C VAL B 108 11.79 28.87 -11.41
N SER B 109 12.13 30.13 -11.19
CA SER B 109 11.86 31.14 -12.20
C SER B 109 13.09 31.96 -12.56
N ASP B 110 12.90 32.92 -13.48
CA ASP B 110 13.97 33.80 -13.90
C ASP B 110 13.90 35.06 -13.06
N THR B 111 14.71 36.07 -13.41
CA THR B 111 14.77 37.33 -12.69
C THR B 111 13.42 38.06 -12.53
N LYS B 112 12.55 37.97 -13.52
CA LYS B 112 11.24 38.65 -13.42
C LYS B 112 10.25 37.82 -12.61
N GLY B 113 10.62 36.59 -12.35
CA GLY B 113 9.74 35.73 -11.61
C GLY B 113 8.90 34.85 -12.50
N ALA B 114 9.30 34.70 -13.77
CA ALA B 114 8.56 33.84 -14.69
C ALA B 114 9.22 32.46 -14.88
N GLY B 115 8.42 31.44 -15.16
CA GLY B 115 8.94 30.10 -15.37
C GLY B 115 7.82 29.22 -15.90
N HIS B 116 8.11 27.95 -16.15
CA HIS B 116 7.07 27.03 -16.62
C HIS B 116 6.93 25.99 -15.54
N PHE B 117 5.93 26.15 -14.69
CA PHE B 117 5.71 25.23 -13.57
C PHE B 117 4.44 25.63 -12.85
N VAL B 118 3.96 24.73 -12.01
CA VAL B 118 2.81 24.98 -11.16
C VAL B 118 3.30 24.49 -9.80
N GLY B 119 3.01 25.20 -8.72
CA GLY B 119 3.49 24.76 -7.41
C GLY B 119 2.92 25.49 -6.21
N VAL B 120 3.23 24.97 -5.02
CA VAL B 120 2.77 25.53 -3.75
C VAL B 120 4.03 26.01 -3.04
N GLU B 121 4.09 27.31 -2.75
CA GLU B 121 5.27 27.87 -2.08
C GLU B 121 5.04 28.17 -0.60
N PHE B 122 6.12 28.09 0.18
CA PHE B 122 6.13 28.38 1.61
C PHE B 122 7.20 29.44 1.67
N ASP B 123 6.78 30.67 1.43
CA ASP B 123 7.64 31.84 1.31
C ASP B 123 7.90 32.52 2.64
N THR B 124 9.17 32.66 3.00
CA THR B 124 9.54 33.30 4.27
C THR B 124 10.16 34.68 4.13
N TYR B 125 10.10 35.25 2.93
CA TYR B 125 10.64 36.59 2.71
C TYR B 125 9.81 37.36 1.69
N SER B 126 9.48 38.60 2.02
CA SER B 126 8.68 39.45 1.17
C SER B 126 9.43 40.20 0.07
N ASN B 127 9.34 39.71 -1.16
CA ASN B 127 9.99 40.34 -2.29
C ASN B 127 8.98 41.20 -3.00
N SER B 128 9.04 42.51 -2.78
CA SER B 128 8.12 43.43 -3.40
C SER B 128 8.10 43.34 -4.92
N GLU B 129 9.24 42.95 -5.51
CA GLU B 129 9.35 42.82 -6.96
C GLU B 129 8.46 41.72 -7.51
N TYR B 130 8.04 40.81 -6.64
CA TYR B 130 7.16 39.72 -7.03
C TYR B 130 5.81 39.88 -6.36
N ASN B 131 5.58 41.08 -5.83
CA ASN B 131 4.32 41.42 -5.17
C ASN B 131 3.96 40.53 -3.99
N ASP B 132 5.00 40.10 -3.28
CA ASP B 132 4.83 39.27 -2.11
C ASP B 132 4.06 39.99 -1.02
N PRO B 133 3.23 39.24 -0.24
CA PRO B 133 2.45 39.78 0.86
C PRO B 133 3.48 40.22 1.90
N PRO B 134 3.10 41.12 2.81
CA PRO B 134 4.01 41.60 3.86
C PRO B 134 4.41 40.62 4.96
N THR B 135 3.77 39.45 5.01
CA THR B 135 4.09 38.43 6.03
C THR B 135 4.50 37.10 5.36
N ASP B 136 4.88 36.11 6.17
CA ASP B 136 5.22 34.79 5.62
C ASP B 136 3.90 34.33 5.02
N HIS B 137 3.95 33.41 4.08
CA HIS B 137 2.71 33.00 3.45
C HIS B 137 2.87 31.76 2.61
N VAL B 138 1.74 31.14 2.34
CA VAL B 138 1.69 29.96 1.49
C VAL B 138 1.01 30.52 0.24
N GLY B 139 1.45 30.11 -0.93
CA GLY B 139 0.86 30.61 -2.16
C GLY B 139 0.84 29.60 -3.29
N ILE B 140 -0.12 29.74 -4.18
CA ILE B 140 -0.23 28.85 -5.33
C ILE B 140 0.37 29.63 -6.48
N ASP B 141 1.37 29.02 -7.12
CA ASP B 141 2.06 29.66 -8.23
C ASP B 141 1.78 28.94 -9.55
N VAL B 142 1.38 29.70 -10.56
CA VAL B 142 1.14 29.14 -11.89
C VAL B 142 2.03 29.90 -12.88
N ASN B 143 3.14 29.28 -13.26
CA ASN B 143 4.11 29.89 -14.18
C ASN B 143 4.72 31.21 -13.71
N SER B 144 4.72 31.45 -12.40
CA SER B 144 5.29 32.67 -11.85
C SER B 144 5.32 32.68 -10.32
N VAL B 145 6.31 33.34 -9.73
CA VAL B 145 6.39 33.42 -8.28
C VAL B 145 5.52 34.57 -7.75
N ASP B 146 4.84 35.26 -8.66
CA ASP B 146 3.90 36.31 -8.28
C ASP B 146 2.64 35.44 -8.13
N SER B 147 2.47 34.89 -6.94
CA SER B 147 1.38 33.98 -6.63
C SER B 147 -0.01 34.39 -7.09
N VAL B 148 -0.73 33.41 -7.60
CA VAL B 148 -2.08 33.57 -8.08
C VAL B 148 -2.98 33.81 -6.88
N LYS B 149 -2.62 33.20 -5.76
CA LYS B 149 -3.39 33.33 -4.53
C LYS B 149 -2.47 32.99 -3.37
N THR B 150 -2.52 33.79 -2.31
CA THR B 150 -1.72 33.54 -1.10
C THR B 150 -2.59 33.58 0.15
N VAL B 151 -2.07 33.00 1.23
CA VAL B 151 -2.76 32.96 2.52
C VAL B 151 -1.65 33.21 3.56
N PRO B 152 -1.91 34.10 4.54
CA PRO B 152 -0.90 34.39 5.59
C PRO B 152 -0.53 33.11 6.32
N TRP B 153 0.69 33.03 6.79
CA TRP B 153 1.18 31.84 7.47
C TRP B 153 2.30 32.30 8.39
N ASN B 154 2.89 31.39 9.14
CA ASN B 154 3.95 31.76 10.03
C ASN B 154 4.97 30.63 10.13
N SER B 155 6.18 30.89 9.66
CA SER B 155 7.23 29.89 9.68
C SER B 155 7.93 29.92 11.04
N VAL B 156 7.92 28.79 11.72
CA VAL B 156 8.55 28.70 13.03
C VAL B 156 9.86 27.92 12.88
N SER B 157 10.95 28.55 13.30
CA SER B 157 12.27 27.97 13.20
C SER B 157 12.39 26.66 13.95
N GLY B 158 12.86 25.62 13.27
CA GLY B 158 13.03 24.34 13.93
C GLY B 158 11.75 23.52 14.08
N ALA B 159 10.63 24.05 13.59
CA ALA B 159 9.36 23.35 13.66
C ALA B 159 9.15 22.43 12.48
N VAL B 160 8.59 21.24 12.72
CA VAL B 160 8.32 20.29 11.64
C VAL B 160 6.90 20.58 11.15
N VAL B 161 6.78 20.99 9.90
CA VAL B 161 5.49 21.31 9.31
C VAL B 161 5.02 20.15 8.42
N LYS B 162 3.72 19.83 8.46
CA LYS B 162 3.18 18.74 7.63
C LYS B 162 2.21 19.31 6.63
N VAL B 163 2.24 18.79 5.41
CA VAL B 163 1.35 19.30 4.37
C VAL B 163 0.67 18.16 3.66
N THR B 164 -0.55 18.40 3.22
CA THR B 164 -1.33 17.41 2.48
C THR B 164 -1.94 18.15 1.30
N VAL B 165 -1.80 17.58 0.12
CA VAL B 165 -2.30 18.23 -1.09
C VAL B 165 -3.20 17.26 -1.87
N ILE B 166 -4.36 17.72 -2.31
CA ILE B 166 -5.28 16.91 -3.08
C ILE B 166 -5.63 17.66 -4.36
N TYR B 167 -5.50 16.99 -5.51
CA TYR B 167 -5.85 17.61 -6.78
C TYR B 167 -6.93 16.76 -7.39
N ASP B 168 -8.13 17.32 -7.51
CA ASP B 168 -9.26 16.61 -8.08
C ASP B 168 -9.37 16.95 -9.57
N SER B 169 -9.06 15.98 -10.42
CA SER B 169 -9.10 16.14 -11.87
C SER B 169 -10.39 16.79 -12.38
N SER B 170 -11.52 16.29 -11.92
CA SER B 170 -12.87 16.73 -12.24
C SER B 170 -13.09 18.25 -12.14
N THR B 171 -12.91 18.75 -10.93
CA THR B 171 -13.09 20.15 -10.64
C THR B 171 -11.84 20.93 -10.93
N LYS B 172 -10.74 20.23 -11.14
CA LYS B 172 -9.44 20.85 -11.38
C LYS B 172 -9.03 21.71 -10.19
N THR B 173 -9.46 21.28 -9.01
CA THR B 173 -9.16 21.99 -7.78
C THR B 173 -7.92 21.43 -7.07
N LEU B 174 -7.02 22.33 -6.68
CA LEU B 174 -5.81 21.95 -5.95
C LEU B 174 -6.00 22.49 -4.56
N SER B 175 -6.11 21.62 -3.56
CA SER B 175 -6.26 22.09 -2.17
C SER B 175 -5.14 21.62 -1.28
N VAL B 176 -4.69 22.52 -0.42
CA VAL B 176 -3.58 22.31 0.48
C VAL B 176 -3.99 22.51 1.93
N ALA B 177 -3.52 21.59 2.78
CA ALA B 177 -3.79 21.66 4.21
C ALA B 177 -2.44 21.61 4.92
N VAL B 178 -2.04 22.73 5.52
CA VAL B 178 -0.78 22.86 6.24
C VAL B 178 -1.01 22.78 7.76
N THR B 179 -0.39 21.81 8.42
CA THR B 179 -0.54 21.63 9.86
C THR B 179 0.72 22.14 10.54
N ASN B 180 0.60 23.30 11.17
CA ASN B 180 1.73 23.87 11.89
C ASN B 180 2.05 23.07 13.11
N ASP B 181 3.11 23.42 13.82
CA ASP B 181 3.41 22.62 14.99
C ASP B 181 2.62 22.92 16.23
N ASN B 182 1.96 24.06 16.21
CA ASN B 182 1.13 24.38 17.33
C ASN B 182 -0.27 23.76 17.20
N GLY B 183 -0.47 22.91 16.18
CA GLY B 183 -1.75 22.26 16.00
C GLY B 183 -2.71 22.91 15.03
N ASP B 184 -2.58 24.21 14.83
CA ASP B 184 -3.46 24.94 13.92
C ASP B 184 -3.24 24.58 12.45
N ILE B 185 -4.31 24.47 11.67
CA ILE B 185 -4.18 24.18 10.26
C ILE B 185 -4.45 25.42 9.41
N THR B 186 -3.77 25.51 8.28
CA THR B 186 -3.91 26.61 7.34
C THR B 186 -4.26 25.95 6.01
N THR B 187 -5.22 26.49 5.27
CA THR B 187 -5.60 25.91 3.99
C THR B 187 -5.68 26.95 2.88
N ILE B 188 -5.52 26.48 1.65
CA ILE B 188 -5.62 27.36 0.49
C ILE B 188 -6.02 26.44 -0.67
N ALA B 189 -6.93 26.89 -1.51
CA ALA B 189 -7.38 26.10 -2.65
C ALA B 189 -7.48 27.02 -3.86
N GLN B 190 -7.32 26.45 -5.05
CA GLN B 190 -7.37 27.23 -6.27
C GLN B 190 -7.61 26.28 -7.42
N VAL B 191 -8.38 26.75 -8.41
CA VAL B 191 -8.67 25.94 -9.57
C VAL B 191 -7.54 26.14 -10.56
N VAL B 192 -6.87 25.05 -10.89
CA VAL B 192 -5.74 25.07 -11.83
C VAL B 192 -5.93 23.95 -12.83
N ASP B 193 -5.88 24.31 -14.12
CA ASP B 193 -6.03 23.34 -15.19
C ASP B 193 -4.67 22.84 -15.63
N LEU B 194 -4.24 21.72 -15.05
CA LEU B 194 -2.95 21.15 -15.37
C LEU B 194 -2.76 20.88 -16.85
N LYS B 195 -3.82 20.42 -17.49
CA LYS B 195 -3.80 20.08 -18.91
C LYS B 195 -3.48 21.25 -19.84
N ALA B 196 -3.87 22.46 -19.45
CA ALA B 196 -3.61 23.66 -20.24
C ALA B 196 -2.29 24.34 -19.88
N LYS B 197 -1.75 24.10 -18.68
CA LYS B 197 -0.51 24.73 -18.27
C LYS B 197 0.73 23.85 -18.41
N LEU B 198 0.56 22.53 -18.36
CA LEU B 198 1.68 21.60 -18.41
C LEU B 198 1.56 20.54 -19.49
N PRO B 199 2.69 19.95 -19.89
CA PRO B 199 2.65 18.92 -20.92
C PRO B 199 2.14 17.61 -20.29
N GLU B 200 1.95 16.59 -21.11
CA GLU B 200 1.46 15.29 -20.67
C GLU B 200 2.34 14.64 -19.62
N ARG B 201 3.66 14.78 -19.76
CA ARG B 201 4.57 14.19 -18.81
C ARG B 201 5.29 15.25 -18.06
N VAL B 202 5.25 15.13 -16.74
CA VAL B 202 5.89 16.10 -15.89
C VAL B 202 6.71 15.43 -14.80
N LYS B 203 7.38 16.25 -14.01
CA LYS B 203 8.17 15.78 -12.90
C LYS B 203 7.80 16.59 -11.67
N PHE B 204 7.62 15.91 -10.54
CA PHE B 204 7.29 16.54 -9.26
C PHE B 204 8.55 16.68 -8.43
N GLY B 205 8.60 17.67 -7.54
CA GLY B 205 9.76 17.84 -6.71
C GLY B 205 9.70 19.06 -5.80
N PHE B 206 10.83 19.33 -5.15
CA PHE B 206 10.96 20.47 -4.24
C PHE B 206 12.15 21.32 -4.67
N SER B 207 12.10 22.59 -4.31
CA SER B 207 13.16 23.53 -4.64
C SER B 207 13.22 24.62 -3.57
N ALA B 208 14.41 25.09 -3.24
CA ALA B 208 14.58 26.12 -2.24
C ALA B 208 15.78 26.95 -2.65
N SER B 209 15.91 28.15 -2.08
CA SER B 209 17.04 29.00 -2.43
C SER B 209 17.33 30.05 -1.38
N GLY B 210 18.44 30.75 -1.57
CA GLY B 210 18.86 31.81 -0.67
C GLY B 210 19.52 32.91 -1.49
N SER B 211 20.09 33.91 -0.84
CA SER B 211 20.73 34.99 -1.57
C SER B 211 22.08 35.20 -0.94
N LEU B 212 22.55 36.45 -0.88
CA LEU B 212 23.84 36.72 -0.25
C LEU B 212 23.61 36.91 1.24
N GLY B 213 22.63 37.73 1.58
CA GLY B 213 22.33 37.99 2.99
C GLY B 213 21.23 37.14 3.59
N GLY B 214 20.49 36.45 2.74
CA GLY B 214 19.41 35.60 3.21
C GLY B 214 19.74 34.13 3.03
N ARG B 215 19.90 33.44 4.15
CA ARG B 215 20.22 32.02 4.13
C ARG B 215 19.64 31.35 5.36
N GLN B 216 19.19 30.11 5.21
CA GLN B 216 18.62 29.35 6.31
C GLN B 216 18.59 27.89 5.90
N ILE B 217 18.39 27.01 6.86
CA ILE B 217 18.33 25.58 6.61
C ILE B 217 16.96 25.20 6.06
N HIS B 218 16.95 24.57 4.88
CA HIS B 218 15.74 24.09 4.22
C HIS B 218 15.84 22.57 4.17
N LEU B 219 14.98 21.87 4.91
CA LEU B 219 14.99 20.41 4.95
C LEU B 219 13.72 19.73 4.49
N ILE B 220 13.87 18.58 3.83
CA ILE B 220 12.73 17.79 3.41
C ILE B 220 12.92 16.51 4.20
N ARG B 221 11.91 16.13 4.96
CA ARG B 221 12.00 14.95 5.81
C ARG B 221 11.31 13.70 5.28
N SER B 222 10.14 13.85 4.67
CA SER B 222 9.43 12.69 4.11
C SER B 222 8.56 13.13 2.94
N TRP B 223 8.09 12.15 2.17
CA TRP B 223 7.27 12.46 1.01
C TRP B 223 6.60 11.21 0.49
N SER B 224 5.28 11.25 0.41
CA SER B 224 4.50 10.13 -0.13
C SER B 224 3.67 10.72 -1.28
N PHE B 225 3.38 9.93 -2.29
CA PHE B 225 2.65 10.41 -3.45
C PHE B 225 1.89 9.29 -4.12
N THR B 226 0.73 9.63 -4.66
CA THR B 226 -0.12 8.68 -5.38
C THR B 226 -0.98 9.45 -6.38
N SER B 227 -0.92 9.03 -7.63
CA SER B 227 -1.71 9.66 -8.67
C SER B 227 -2.38 8.54 -9.45
N THR B 228 -3.60 8.80 -9.91
CA THR B 228 -4.35 7.80 -10.67
C THR B 228 -4.99 8.46 -11.89
N LEU B 229 -4.67 7.92 -13.06
CA LEU B 229 -5.22 8.42 -14.30
C LEU B 229 -6.21 7.38 -14.78
N ILE B 230 -7.44 7.80 -15.03
CA ILE B 230 -8.45 6.86 -15.49
C ILE B 230 -8.13 6.65 -16.97
N THR B 231 -7.67 5.43 -17.32
CA THR B 231 -7.41 5.06 -18.67
C THR B 231 -8.74 4.37 -19.05
N THR B 232 -9.47 5.21 -19.77
CA THR B 232 -10.75 5.11 -20.51
C THR B 232 -12.07 4.54 -20.23
N ALA C 1 -6.89 32.01 17.02
CA ALA C 1 -7.66 30.98 16.28
C ALA C 1 -8.30 30.03 17.28
N GLU C 2 -9.46 29.52 16.92
CA GLU C 2 -10.22 28.59 17.77
C GLU C 2 -10.09 27.21 17.11
N THR C 3 -9.28 26.34 17.70
CA THR C 3 -9.03 25.01 17.16
C THR C 3 -9.57 23.85 18.00
N VAL C 4 -10.14 22.86 17.32
CA VAL C 4 -10.68 21.67 17.95
C VAL C 4 -10.00 20.50 17.24
N SER C 5 -9.32 19.62 17.98
CA SER C 5 -8.70 18.46 17.35
C SER C 5 -8.71 17.23 18.22
N PHE C 6 -9.01 16.10 17.61
CA PHE C 6 -9.03 14.83 18.33
C PHE C 6 -8.53 13.71 17.41
N ASN C 7 -8.15 12.60 18.02
CA ASN C 7 -7.62 11.46 17.28
C ASN C 7 -7.95 10.15 17.98
N PHE C 8 -8.70 9.30 17.29
CA PHE C 8 -9.07 8.00 17.81
C PHE C 8 -8.41 6.90 16.98
N ASN C 9 -7.56 6.10 17.62
CA ASN C 9 -6.90 4.97 16.95
C ASN C 9 -7.69 3.71 17.23
N SER C 10 -8.58 3.81 18.21
CA SER C 10 -9.46 2.72 18.62
C SER C 10 -10.55 3.36 19.48
N PHE C 11 -11.75 2.78 19.46
CA PHE C 11 -12.86 3.32 20.22
C PHE C 11 -13.20 2.39 21.40
N SER C 12 -13.94 2.90 22.38
CA SER C 12 -14.31 2.08 23.54
C SER C 12 -15.69 2.56 24.01
N GLU C 13 -16.54 1.63 24.44
CA GLU C 13 -17.86 1.99 24.91
C GLU C 13 -18.09 2.84 26.16
N GLY C 14 -17.12 3.42 26.79
CA GLY C 14 -17.43 4.22 27.96
C GLY C 14 -16.83 5.58 27.83
N ASN C 15 -16.67 5.98 26.57
CA ASN C 15 -16.06 7.23 26.24
C ASN C 15 -17.04 8.37 26.10
N PRO C 16 -17.01 9.33 27.05
CA PRO C 16 -17.93 10.47 27.01
C PRO C 16 -17.74 11.39 25.80
N ALA C 17 -16.65 11.21 25.06
CA ALA C 17 -16.37 12.00 23.87
C ALA C 17 -17.11 11.45 22.65
N ILE C 18 -17.80 10.33 22.83
CA ILE C 18 -18.53 9.69 21.75
C ILE C 18 -20.00 9.41 22.04
N ASN C 19 -20.86 9.74 21.08
CA ASN C 19 -22.28 9.49 21.23
C ASN C 19 -22.65 8.35 20.34
N PHE C 20 -23.32 7.34 20.88
CA PHE C 20 -23.76 6.22 20.08
C PHE C 20 -25.26 6.33 19.91
N GLN C 21 -25.74 6.09 18.71
CA GLN C 21 -27.15 6.17 18.41
C GLN C 21 -27.49 4.95 17.58
N GLY C 22 -28.63 4.33 17.85
CA GLY C 22 -29.01 3.15 17.09
C GLY C 22 -28.28 1.88 17.48
N ASP C 23 -28.16 0.98 16.52
CA ASP C 23 -27.52 -0.33 16.68
C ASP C 23 -25.99 -0.36 16.75
N VAL C 24 -25.37 0.75 17.13
CA VAL C 24 -23.92 0.80 17.21
C VAL C 24 -23.42 -0.14 18.27
N THR C 25 -22.22 -0.65 18.03
CA THR C 25 -21.62 -1.57 18.97
C THR C 25 -20.10 -1.51 18.86
N VAL C 26 -19.40 -1.46 19.99
CA VAL C 26 -17.94 -1.40 19.97
C VAL C 26 -17.35 -2.81 20.16
N LEU C 27 -16.71 -3.33 19.12
CA LEU C 27 -16.12 -4.65 19.18
C LEU C 27 -14.90 -4.66 20.09
N SER C 28 -14.48 -5.84 20.53
CA SER C 28 -13.34 -6.01 21.41
C SER C 28 -12.00 -5.54 20.86
N ASN C 29 -11.90 -5.41 19.53
CA ASN C 29 -10.66 -4.96 18.90
C ASN C 29 -10.59 -3.44 18.78
N GLY C 30 -11.62 -2.78 19.29
CA GLY C 30 -11.71 -1.33 19.28
C GLY C 30 -12.51 -0.75 18.14
N ASN C 31 -12.89 -1.58 17.17
CA ASN C 31 -13.64 -1.10 16.02
C ASN C 31 -15.07 -0.84 16.38
N ILE C 32 -15.70 0.04 15.64
CA ILE C 32 -17.10 0.35 15.84
C ILE C 32 -17.84 -0.36 14.72
N GLN C 33 -18.86 -1.13 15.07
CA GLN C 33 -19.66 -1.81 14.06
C GLN C 33 -20.95 -1.03 14.08
N LEU C 34 -21.28 -0.39 12.96
CA LEU C 34 -22.48 0.45 12.89
C LEU C 34 -23.83 -0.21 12.83
N THR C 35 -23.96 -1.35 12.15
CA THR C 35 -25.27 -1.98 12.07
C THR C 35 -25.35 -3.38 12.67
N ASN C 36 -26.58 -3.77 13.01
CA ASN C 36 -26.82 -5.08 13.59
C ASN C 36 -27.16 -6.01 12.45
N LEU C 37 -26.34 -7.02 12.26
CA LEU C 37 -26.55 -7.98 11.19
C LEU C 37 -27.84 -8.75 11.26
N ASN C 38 -28.38 -8.93 12.46
CA ASN C 38 -29.66 -9.66 12.53
C ASN C 38 -30.93 -8.90 12.85
N LYS C 39 -30.96 -7.63 12.48
CA LYS C 39 -32.10 -6.78 12.70
C LYS C 39 -32.49 -6.24 11.33
N VAL C 40 -33.79 -6.18 11.12
CA VAL C 40 -34.33 -5.64 9.91
C VAL C 40 -34.08 -4.14 10.00
N ASN C 41 -34.08 -3.47 8.85
CA ASN C 41 -33.86 -2.03 8.73
C ASN C 41 -32.98 -1.39 9.82
N SER C 42 -31.87 -2.06 10.12
CA SER C 42 -30.91 -1.64 11.14
C SER C 42 -30.24 -0.31 10.77
N VAL C 43 -30.00 0.54 11.77
CA VAL C 43 -29.38 1.84 11.58
C VAL C 43 -28.51 2.14 12.80
N GLY C 44 -27.28 2.58 12.57
CA GLY C 44 -26.39 2.88 13.66
C GLY C 44 -25.56 4.09 13.31
N ARG C 45 -25.33 4.95 14.28
CA ARG C 45 -24.59 6.17 14.09
C ARG C 45 -23.73 6.50 15.28
N VAL C 46 -22.58 7.09 15.01
CA VAL C 46 -21.67 7.49 16.05
C VAL C 46 -21.33 8.96 15.77
N LEU C 47 -21.25 9.77 16.80
CA LEU C 47 -20.96 11.18 16.63
C LEU C 47 -19.97 11.65 17.68
N TYR C 48 -19.23 12.70 17.36
CA TYR C 48 -18.30 13.26 18.33
C TYR C 48 -19.23 14.03 19.28
N ALA C 49 -19.14 13.74 20.57
CA ALA C 49 -20.00 14.35 21.59
C ALA C 49 -20.05 15.86 21.66
N MET C 50 -18.92 16.50 21.47
CA MET C 50 -18.83 17.94 21.55
C MET C 50 -19.20 18.67 20.27
N PRO C 51 -20.09 19.66 20.35
CA PRO C 51 -20.48 20.40 19.16
C PRO C 51 -19.29 21.25 18.72
N VAL C 52 -19.03 21.27 17.42
CA VAL C 52 -17.97 22.09 16.90
C VAL C 52 -18.64 23.31 16.29
N ARG C 53 -18.06 24.48 16.56
CA ARG C 53 -18.57 25.74 16.05
C ARG C 53 -17.90 25.94 14.70
N ILE C 54 -18.65 25.73 13.60
CA ILE C 54 -18.07 25.92 12.27
C ILE C 54 -18.12 27.29 11.68
N TRP C 55 -18.96 28.15 12.22
CA TRP C 55 -19.04 29.49 11.71
C TRP C 55 -19.53 30.43 12.78
N SER C 56 -19.16 31.68 12.66
CA SER C 56 -19.52 32.68 13.63
C SER C 56 -20.47 33.69 13.03
N SER C 57 -21.50 34.03 13.80
CA SER C 57 -22.51 35.01 13.42
C SER C 57 -21.94 36.42 13.61
N ALA C 58 -20.97 36.51 14.52
CA ALA C 58 -20.30 37.77 14.83
C ALA C 58 -19.42 38.21 13.65
N THR C 59 -18.46 37.34 13.29
CA THR C 59 -17.55 37.64 12.19
C THR C 59 -17.93 37.09 10.84
N GLY C 60 -18.85 36.17 10.71
CA GLY C 60 -19.19 35.64 9.42
C GLY C 60 -18.12 34.67 8.91
N ASN C 61 -17.11 34.40 9.72
CA ASN C 61 -16.03 33.49 9.38
C ASN C 61 -16.53 32.05 9.41
N VAL C 62 -15.98 31.22 8.55
CA VAL C 62 -16.33 29.81 8.48
C VAL C 62 -15.01 29.10 8.77
N ALA C 63 -15.07 27.95 9.42
CA ALA C 63 -13.87 27.20 9.74
C ALA C 63 -13.37 26.31 8.61
N SER C 64 -12.08 26.02 8.65
CA SER C 64 -11.46 25.13 7.67
C SER C 64 -11.16 23.86 8.45
N PHE C 65 -11.29 22.70 7.82
CA PHE C 65 -10.99 21.49 8.54
C PHE C 65 -10.25 20.43 7.72
N LEU C 66 -9.55 19.57 8.43
CA LEU C 66 -8.79 18.47 7.85
C LEU C 66 -9.15 17.25 8.69
N THR C 67 -9.69 16.24 8.05
CA THR C 67 -10.07 15.03 8.74
C THR C 67 -9.75 13.82 7.88
N SER C 68 -9.38 12.73 8.52
CA SER C 68 -9.09 11.49 7.80
C SER C 68 -9.50 10.33 8.68
N PHE C 69 -10.09 9.32 8.06
CA PHE C 69 -10.54 8.12 8.73
C PHE C 69 -10.40 6.88 7.83
N SER C 70 -10.59 5.69 8.41
CA SER C 70 -10.51 4.45 7.64
C SER C 70 -11.61 3.53 8.10
N PHE C 71 -12.19 2.83 7.14
CA PHE C 71 -13.28 1.92 7.41
C PHE C 71 -13.12 0.64 6.63
N GLU C 72 -14.00 -0.32 6.92
CA GLU C 72 -14.00 -1.60 6.24
C GLU C 72 -15.43 -2.11 6.15
N MET C 73 -15.79 -2.62 4.99
CA MET C 73 -17.11 -3.17 4.76
C MET C 73 -16.85 -4.60 4.33
N LYS C 74 -17.66 -5.52 4.83
CA LYS C 74 -17.47 -6.93 4.51
C LYS C 74 -18.77 -7.64 4.28
N ASP C 75 -18.78 -8.57 3.34
CA ASP C 75 -19.98 -9.34 3.00
C ASP C 75 -20.26 -10.43 4.01
N ILE C 76 -21.55 -10.62 4.29
CA ILE C 76 -22.02 -11.67 5.16
C ILE C 76 -22.89 -12.48 4.22
N LYS C 77 -22.88 -13.78 4.47
CA LYS C 77 -23.63 -14.74 3.68
C LYS C 77 -25.12 -14.55 3.54
N ASP C 78 -25.62 -14.87 2.35
CA ASP C 78 -27.06 -14.80 2.06
C ASP C 78 -27.71 -13.42 2.02
N TYR C 79 -26.91 -12.38 2.20
CA TYR C 79 -27.46 -11.04 2.20
C TYR C 79 -26.76 -10.17 1.19
N ASP C 80 -27.52 -9.25 0.60
CA ASP C 80 -26.98 -8.30 -0.35
C ASP C 80 -26.11 -7.31 0.43
N PRO C 81 -24.86 -7.11 -0.02
CA PRO C 81 -23.99 -6.17 0.67
C PRO C 81 -24.54 -4.76 0.45
N ALA C 82 -25.24 -4.25 1.46
CA ALA C 82 -25.84 -2.93 1.42
C ALA C 82 -25.97 -2.46 2.86
N ASP C 83 -26.19 -1.16 3.09
CA ASP C 83 -26.33 -0.14 2.06
C ASP C 83 -25.15 0.84 1.93
N GLY C 84 -24.31 0.92 2.94
CA GLY C 84 -23.17 1.82 2.84
C GLY C 84 -22.93 2.64 4.09
N ILE C 85 -21.91 3.50 4.02
CA ILE C 85 -21.50 4.37 5.13
C ILE C 85 -21.53 5.85 4.70
N ILE C 86 -21.82 6.75 5.64
CA ILE C 86 -21.81 8.18 5.33
C ILE C 86 -21.16 9.00 6.45
N PHE C 87 -20.17 9.81 6.08
CA PHE C 87 -19.51 10.70 7.04
C PHE C 87 -20.36 11.96 6.95
N PHE C 88 -21.02 12.36 8.02
CA PHE C 88 -21.88 13.54 7.94
C PHE C 88 -21.68 14.62 8.99
N ILE C 89 -22.17 15.80 8.65
CA ILE C 89 -22.11 16.98 9.49
C ILE C 89 -23.58 17.35 9.64
N ALA C 90 -24.07 17.43 10.88
CA ALA C 90 -25.48 17.74 11.13
C ALA C 90 -25.68 18.63 12.35
N PRO C 91 -26.89 19.22 12.50
CA PRO C 91 -27.17 20.10 13.65
C PRO C 91 -26.87 19.39 14.96
N GLU C 92 -26.51 20.15 15.98
CA GLU C 92 -26.16 19.53 17.25
C GLU C 92 -27.23 18.65 17.88
N ASP C 93 -28.48 18.83 17.47
CA ASP C 93 -29.60 18.04 18.02
C ASP C 93 -29.97 16.82 17.14
N THR C 94 -29.10 16.49 16.20
CA THR C 94 -29.35 15.40 15.26
C THR C 94 -29.67 14.03 15.88
N GLN C 95 -30.73 13.41 15.38
CA GLN C 95 -31.17 12.11 15.86
C GLN C 95 -31.60 11.31 14.65
N ILE C 96 -31.59 10.00 14.78
CA ILE C 96 -32.02 9.12 13.68
C ILE C 96 -33.45 9.46 13.32
N PRO C 97 -33.74 9.65 12.02
CA PRO C 97 -35.09 9.98 11.59
C PRO C 97 -36.14 9.09 12.22
N ALA C 98 -37.22 9.71 12.68
CA ALA C 98 -38.30 9.00 13.33
C ALA C 98 -38.95 8.04 12.36
N GLY C 99 -38.92 6.75 12.64
CA GLY C 99 -39.51 5.78 11.75
C GLY C 99 -38.66 5.49 10.53
N SER C 100 -37.34 5.54 10.74
CA SER C 100 -36.35 5.28 9.68
C SER C 100 -36.49 3.89 9.09
N ILE C 101 -36.44 3.80 7.76
CA ILE C 101 -36.55 2.50 7.09
C ILE C 101 -35.15 1.96 6.78
N GLY C 102 -34.12 2.63 7.30
CA GLY C 102 -32.76 2.20 7.04
C GLY C 102 -32.52 2.17 5.55
N GLY C 103 -32.01 1.06 5.04
CA GLY C 103 -31.76 0.93 3.62
C GLY C 103 -31.05 2.11 2.97
N GLY C 104 -31.57 2.52 1.82
CA GLY C 104 -31.00 3.62 1.06
C GLY C 104 -30.95 4.98 1.73
N THR C 105 -31.59 5.13 2.88
CA THR C 105 -31.58 6.43 3.55
C THR C 105 -30.27 6.65 4.30
N LEU C 106 -29.47 5.59 4.42
CA LEU C 106 -28.18 5.59 5.11
C LEU C 106 -28.28 6.08 6.56
N GLY C 107 -29.50 6.07 7.09
CA GLY C 107 -29.74 6.51 8.46
C GLY C 107 -29.70 8.00 8.73
N VAL C 108 -29.71 8.82 7.69
CA VAL C 108 -29.65 10.27 7.86
C VAL C 108 -30.84 11.01 7.26
N SER C 109 -31.61 10.33 6.41
CA SER C 109 -32.75 10.94 5.77
C SER C 109 -34.07 10.21 5.96
N ASP C 110 -35.15 10.83 5.48
CA ASP C 110 -36.47 10.24 5.57
C ASP C 110 -36.71 9.35 4.37
N THR C 111 -37.94 8.94 4.18
CA THR C 111 -38.28 8.05 3.08
C THR C 111 -38.01 8.62 1.70
N LYS C 112 -38.20 9.92 1.53
CA LYS C 112 -37.95 10.52 0.23
C LYS C 112 -36.47 10.76 -0.01
N GLY C 113 -35.69 10.61 1.06
CA GLY C 113 -34.27 10.85 0.98
C GLY C 113 -33.91 12.28 1.37
N ALA C 114 -34.73 12.94 2.18
CA ALA C 114 -34.46 14.31 2.59
C ALA C 114 -34.07 14.36 4.06
N GLY C 115 -33.28 15.36 4.42
CA GLY C 115 -32.84 15.53 5.79
C GLY C 115 -32.02 16.80 5.90
N HIS C 116 -31.51 17.07 7.10
CA HIS C 116 -30.69 18.23 7.31
C HIS C 116 -29.30 17.78 7.68
N PHE C 117 -28.43 17.78 6.67
CA PHE C 117 -27.06 17.36 6.87
C PHE C 117 -26.26 17.60 5.60
N VAL C 118 -24.96 17.44 5.72
CA VAL C 118 -24.03 17.58 4.61
C VAL C 118 -23.10 16.40 4.89
N GLY C 119 -22.77 15.63 3.86
CA GLY C 119 -21.87 14.50 4.06
C GLY C 119 -21.29 13.89 2.81
N VAL C 120 -20.41 12.91 3.01
CA VAL C 120 -19.73 12.18 1.93
C VAL C 120 -20.17 10.74 2.11
N GLU C 121 -20.84 10.18 1.10
CA GLU C 121 -21.31 8.80 1.20
C GLU C 121 -20.47 7.81 0.41
N PHE C 122 -20.43 6.56 0.87
CA PHE C 122 -19.73 5.45 0.22
C PHE C 122 -20.85 4.42 0.08
N ASP C 123 -21.63 4.64 -0.96
CA ASP C 123 -22.83 3.88 -1.30
C ASP C 123 -22.56 2.59 -2.07
N THR C 124 -22.97 1.47 -1.49
CA THR C 124 -22.76 0.17 -2.11
C THR C 124 -24.00 -0.47 -2.72
N TYR C 125 -25.06 0.31 -2.88
CA TYR C 125 -26.29 -0.21 -3.46
C TYR C 125 -27.00 0.89 -4.23
N SER C 126 -27.45 0.54 -5.43
CA SER C 126 -28.13 1.50 -6.29
C SER C 126 -29.64 1.65 -6.07
N ASN C 127 -30.05 2.70 -5.35
CA ASN C 127 -31.46 2.98 -5.07
C ASN C 127 -31.97 3.92 -6.14
N SER C 128 -32.67 3.40 -7.13
CA SER C 128 -33.21 4.24 -8.21
C SER C 128 -34.13 5.35 -7.70
N GLU C 129 -34.74 5.13 -6.54
CA GLU C 129 -35.63 6.12 -5.96
C GLU C 129 -34.87 7.38 -5.51
N TYR C 130 -33.56 7.25 -5.32
CA TYR C 130 -32.72 8.36 -4.92
C TYR C 130 -31.79 8.72 -6.05
N ASN C 131 -32.11 8.20 -7.24
CA ASN C 131 -31.33 8.45 -8.46
C ASN C 131 -29.86 8.04 -8.35
N ASP C 132 -29.64 6.94 -7.66
CA ASP C 132 -28.30 6.40 -7.48
C ASP C 132 -27.70 5.94 -8.80
N PRO C 133 -26.36 6.10 -8.97
CA PRO C 133 -25.65 5.68 -10.18
C PRO C 133 -25.73 4.16 -10.21
N PRO C 134 -25.55 3.55 -11.37
CA PRO C 134 -25.62 2.09 -11.48
C PRO C 134 -24.49 1.29 -10.85
N THR C 135 -23.48 1.96 -10.30
CA THR C 135 -22.35 1.26 -9.70
C THR C 135 -22.11 1.78 -8.29
N ASP C 136 -21.18 1.18 -7.58
CA ASP C 136 -20.84 1.64 -6.25
C ASP C 136 -20.30 3.05 -6.53
N HIS C 137 -20.36 3.93 -5.55
CA HIS C 137 -19.90 5.28 -5.78
C HIS C 137 -19.68 6.07 -4.51
N VAL C 138 -18.96 7.16 -4.65
CA VAL C 138 -18.71 8.08 -3.56
C VAL C 138 -19.54 9.31 -3.99
N GLY C 139 -20.28 9.90 -3.07
CA GLY C 139 -21.08 11.05 -3.43
C GLY C 139 -21.11 12.12 -2.36
N ILE C 140 -21.35 13.37 -2.76
CA ILE C 140 -21.42 14.49 -1.84
C ILE C 140 -22.90 14.79 -1.69
N ASP C 141 -23.42 14.63 -0.48
CA ASP C 141 -24.82 14.88 -0.19
C ASP C 141 -25.05 16.16 0.58
N VAL C 142 -26.00 16.96 0.11
CA VAL C 142 -26.34 18.21 0.76
C VAL C 142 -27.84 18.16 1.02
N ASN C 143 -28.21 17.88 2.26
CA ASN C 143 -29.61 17.79 2.68
C ASN C 143 -30.44 16.76 1.94
N SER C 144 -29.78 15.73 1.40
CA SER C 144 -30.47 14.67 0.66
C SER C 144 -29.53 13.56 0.21
N VAL C 145 -30.05 12.35 0.06
CA VAL C 145 -29.22 11.22 -0.39
C VAL C 145 -29.26 11.11 -1.91
N ASP C 146 -29.84 12.13 -2.54
CA ASP C 146 -29.85 12.19 -3.98
C ASP C 146 -28.63 13.10 -4.12
N SER C 147 -27.47 12.48 -4.19
CA SER C 147 -26.20 13.20 -4.27
C SER C 147 -26.12 14.34 -5.27
N VAL C 148 -25.49 15.42 -4.82
CA VAL C 148 -25.27 16.60 -5.64
C VAL C 148 -24.26 16.23 -6.72
N LYS C 149 -23.35 15.32 -6.38
CA LYS C 149 -22.31 14.88 -7.29
C LYS C 149 -21.79 13.51 -6.82
N THR C 150 -21.56 12.62 -7.78
CA THR C 150 -21.04 11.30 -7.44
C THR C 150 -19.90 10.95 -8.38
N VAL C 151 -19.09 9.97 -7.98
CA VAL C 151 -17.95 9.49 -8.75
C VAL C 151 -17.98 7.97 -8.58
N PRO C 152 -17.81 7.22 -9.67
CA PRO C 152 -17.83 5.77 -9.55
C PRO C 152 -16.70 5.29 -8.66
N TRP C 153 -16.96 4.22 -7.92
CA TRP C 153 -15.99 3.67 -6.99
C TRP C 153 -16.25 2.17 -6.95
N ASN C 154 -15.45 1.47 -6.19
CA ASN C 154 -15.58 0.03 -6.10
C ASN C 154 -15.29 -0.42 -4.66
N SER C 155 -16.30 -0.96 -3.99
CA SER C 155 -16.17 -1.44 -2.63
C SER C 155 -15.68 -2.88 -2.58
N VAL C 156 -14.50 -3.08 -2.02
CA VAL C 156 -13.90 -4.41 -1.90
C VAL C 156 -14.13 -4.95 -0.49
N SER C 157 -14.80 -6.10 -0.44
CA SER C 157 -15.12 -6.75 0.81
C SER C 157 -13.87 -7.06 1.61
N GLY C 158 -13.85 -6.64 2.87
CA GLY C 158 -12.73 -6.89 3.75
C GLY C 158 -11.52 -6.04 3.51
N ALA C 159 -11.64 -5.02 2.66
CA ALA C 159 -10.53 -4.14 2.38
C ALA C 159 -10.60 -2.91 3.28
N VAL C 160 -9.45 -2.48 3.80
CA VAL C 160 -9.40 -1.30 4.63
C VAL C 160 -9.25 -0.10 3.71
N VAL C 161 -10.22 0.81 3.73
CA VAL C 161 -10.21 2.02 2.89
C VAL C 161 -9.83 3.23 3.73
N LYS C 162 -9.00 4.11 3.16
CA LYS C 162 -8.56 5.33 3.87
C LYS C 162 -9.10 6.55 3.14
N VAL C 163 -9.58 7.52 3.91
CA VAL C 163 -10.13 8.73 3.33
C VAL C 163 -9.53 9.96 3.99
N THR C 164 -9.36 11.00 3.20
CA THR C 164 -8.84 12.27 3.69
C THR C 164 -9.79 13.32 3.12
N VAL C 165 -10.24 14.25 3.96
CA VAL C 165 -11.16 15.30 3.56
C VAL C 165 -10.59 16.65 3.99
N ILE C 166 -10.64 17.63 3.08
CA ILE C 166 -10.17 18.96 3.37
C ILE C 166 -11.27 19.91 2.95
N TYR C 167 -11.64 20.83 3.83
CA TYR C 167 -12.66 21.83 3.51
C TYR C 167 -11.97 23.19 3.66
N ASP C 168 -11.86 23.93 2.57
CA ASP C 168 -11.24 25.23 2.61
C ASP C 168 -12.31 26.29 2.77
N SER C 169 -12.30 27.00 3.89
CA SER C 169 -13.27 28.04 4.15
C SER C 169 -13.44 29.07 3.06
N SER C 170 -12.32 29.60 2.56
CA SER C 170 -12.33 30.65 1.51
C SER C 170 -13.08 30.29 0.26
N THR C 171 -12.68 29.18 -0.36
CA THR C 171 -13.31 28.73 -1.59
C THR C 171 -14.53 27.86 -1.32
N LYS C 172 -14.76 27.56 -0.04
CA LYS C 172 -15.88 26.72 0.37
C LYS C 172 -15.85 25.42 -0.42
N THR C 173 -14.65 24.92 -0.66
CA THR C 173 -14.51 23.69 -1.40
C THR C 173 -14.29 22.52 -0.49
N LEU C 174 -15.05 21.45 -0.71
CA LEU C 174 -14.90 20.22 0.08
C LEU C 174 -14.26 19.18 -0.84
N SER C 175 -13.01 18.78 -0.60
CA SER C 175 -12.41 17.73 -1.45
C SER C 175 -12.07 16.47 -0.71
N VAL C 176 -12.38 15.34 -1.34
CA VAL C 176 -12.19 14.01 -0.78
C VAL C 176 -11.22 13.16 -1.60
N ALA C 177 -10.32 12.47 -0.89
CA ALA C 177 -9.34 11.58 -1.53
C ALA C 177 -9.52 10.24 -0.84
N VAL C 178 -9.93 9.25 -1.62
CA VAL C 178 -10.16 7.90 -1.12
C VAL C 178 -9.05 7.00 -1.65
N THR C 179 -8.30 6.38 -0.76
CA THR C 179 -7.22 5.49 -1.14
C THR C 179 -7.69 4.07 -1.04
N ASN C 180 -7.98 3.46 -2.18
CA ASN C 180 -8.41 2.09 -2.18
C ASN C 180 -7.35 1.17 -1.74
N ASP C 181 -7.68 -0.10 -1.58
CA ASP C 181 -6.83 -1.16 -1.15
C ASP C 181 -5.69 -1.46 -2.20
N ASN C 182 -6.06 -1.38 -3.48
CA ASN C 182 -5.07 -1.65 -4.52
C ASN C 182 -4.12 -0.49 -4.82
N GLY C 183 -4.17 0.55 -3.98
CA GLY C 183 -3.30 1.70 -4.15
C GLY C 183 -3.88 2.85 -4.93
N ASP C 184 -4.87 2.57 -5.77
CA ASP C 184 -5.52 3.59 -6.59
C ASP C 184 -6.29 4.61 -5.77
N ILE C 185 -6.21 5.88 -6.14
CA ILE C 185 -6.96 6.89 -5.41
C ILE C 185 -8.14 7.36 -6.25
N THR C 186 -9.20 7.77 -5.57
CA THR C 186 -10.43 8.27 -6.18
C THR C 186 -10.66 9.62 -5.51
N THR C 187 -11.05 10.63 -6.27
CA THR C 187 -11.29 11.94 -5.67
C THR C 187 -12.59 12.55 -6.15
N ILE C 188 -13.12 13.46 -5.35
CA ILE C 188 -14.34 14.16 -5.69
C ILE C 188 -14.28 15.44 -4.89
N ALA C 189 -14.75 16.52 -5.49
CA ALA C 189 -14.74 17.81 -4.83
C ALA C 189 -16.01 18.56 -5.23
N GLN C 190 -16.47 19.43 -4.34
CA GLN C 190 -17.68 20.18 -4.60
C GLN C 190 -17.69 21.41 -3.72
N VAL C 191 -18.25 22.50 -4.24
CA VAL C 191 -18.34 23.73 -3.48
C VAL C 191 -19.60 23.66 -2.65
N VAL C 192 -19.45 23.73 -1.33
CA VAL C 192 -20.57 23.65 -0.41
C VAL C 192 -20.42 24.76 0.61
N ASP C 193 -21.47 25.55 0.77
CA ASP C 193 -21.47 26.67 1.72
C ASP C 193 -22.04 26.21 3.05
N LEU C 194 -21.16 25.77 3.95
CA LEU C 194 -21.60 25.30 5.24
C LEU C 194 -22.43 26.32 5.99
N LYS C 195 -22.03 27.59 5.91
CA LYS C 195 -22.76 28.62 6.63
C LYS C 195 -24.22 28.79 6.21
N ALA C 196 -24.53 28.47 4.96
CA ALA C 196 -25.91 28.63 4.49
C ALA C 196 -26.75 27.36 4.66
N LYS C 197 -26.08 26.22 4.79
CA LYS C 197 -26.76 24.94 4.94
C LYS C 197 -26.86 24.43 6.37
N LEU C 198 -25.87 24.77 7.20
CA LEU C 198 -25.88 24.33 8.59
C LEU C 198 -25.83 25.43 9.65
N PRO C 199 -26.18 25.11 10.90
CA PRO C 199 -26.18 26.11 11.96
C PRO C 199 -24.75 26.38 12.46
N GLU C 200 -24.59 27.33 13.36
CA GLU C 200 -23.27 27.66 13.89
C GLU C 200 -22.60 26.47 14.56
N ARG C 201 -23.37 25.69 15.31
CA ARG C 201 -22.82 24.53 15.98
C ARG C 201 -23.39 23.25 15.41
N VAL C 202 -22.48 22.36 15.07
CA VAL C 202 -22.84 21.11 14.47
C VAL C 202 -22.08 19.95 15.12
N LYS C 203 -22.43 18.75 14.71
CA LYS C 203 -21.79 17.55 15.21
C LYS C 203 -21.40 16.71 14.01
N PHE C 204 -20.19 16.17 14.05
CA PHE C 204 -19.66 15.33 12.97
C PHE C 204 -19.79 13.89 13.40
N GLY C 205 -19.92 12.97 12.45
CA GLY C 205 -20.03 11.57 12.80
C GLY C 205 -20.21 10.70 11.58
N PHE C 206 -20.49 9.43 11.83
CA PHE C 206 -20.67 8.45 10.79
C PHE C 206 -22.03 7.79 10.98
N SER C 207 -22.56 7.20 9.92
CA SER C 207 -23.85 6.52 9.98
C SER C 207 -23.88 5.44 8.89
N ALA C 208 -24.52 4.32 9.17
CA ALA C 208 -24.63 3.23 8.20
C ALA C 208 -25.98 2.56 8.42
N SER C 209 -26.45 1.81 7.42
CA SER C 209 -27.72 1.13 7.53
C SER C 209 -27.85 -0.08 6.61
N GLY C 210 -28.90 -0.86 6.85
CA GLY C 210 -29.18 -2.04 6.06
C GLY C 210 -30.69 -2.13 5.92
N SER C 211 -31.16 -3.17 5.22
CA SER C 211 -32.60 -3.36 5.04
C SER C 211 -32.98 -4.76 5.53
N LEU C 212 -33.96 -5.38 4.87
CA LEU C 212 -34.38 -6.73 5.25
C LEU C 212 -33.45 -7.70 4.53
N GLY C 213 -33.29 -7.51 3.23
CA GLY C 213 -32.44 -8.38 2.44
C GLY C 213 -31.03 -7.88 2.23
N GLY C 214 -30.79 -6.62 2.58
CA GLY C 214 -29.47 -6.04 2.41
C GLY C 214 -28.80 -5.80 3.74
N ARG C 215 -27.72 -6.50 4.00
CA ARG C 215 -26.99 -6.34 5.25
C ARG C 215 -25.53 -6.68 4.99
N GLN C 216 -24.65 -6.03 5.74
CA GLN C 216 -23.22 -6.25 5.64
C GLN C 216 -22.53 -5.58 6.83
N ILE C 217 -21.29 -5.98 7.06
CA ILE C 217 -20.50 -5.42 8.16
C ILE C 217 -19.98 -4.03 7.81
N HIS C 218 -20.29 -3.04 8.64
CA HIS C 218 -19.88 -1.66 8.46
C HIS C 218 -19.00 -1.31 9.66
N LEU C 219 -17.70 -1.11 9.44
CA LEU C 219 -16.79 -0.82 10.54
C LEU C 219 -16.04 0.50 10.42
N ILE C 220 -15.83 1.18 11.53
CA ILE C 220 -15.05 2.39 11.55
C ILE C 220 -13.83 2.01 12.36
N ARG C 221 -12.65 2.20 11.80
CA ARG C 221 -11.43 1.80 12.49
C ARG C 221 -10.65 2.91 13.20
N SER C 222 -10.58 4.08 12.60
CA SER C 222 -9.86 5.20 13.20
C SER C 222 -10.46 6.52 12.71
N TRP C 223 -10.13 7.62 13.37
CA TRP C 223 -10.65 8.92 12.98
C TRP C 223 -9.87 10.06 13.64
N SER C 224 -9.31 10.95 12.83
CA SER C 224 -8.59 12.12 13.36
C SER C 224 -9.28 13.34 12.76
N PHE C 225 -9.29 14.44 13.48
CA PHE C 225 -9.97 15.61 13.00
C PHE C 225 -9.32 16.86 13.57
N THR C 226 -9.32 17.93 12.78
CA THR C 226 -8.78 19.21 13.22
C THR C 226 -9.47 20.32 12.44
N SER C 227 -10.06 21.27 13.15
CA SER C 227 -10.72 22.39 12.51
C SER C 227 -10.18 23.65 13.16
N THR C 228 -10.08 24.73 12.38
CA THR C 228 -9.59 26.00 12.87
C THR C 228 -10.45 27.14 12.35
N LEU C 229 -11.01 27.90 13.29
CA LEU C 229 -11.85 29.03 12.95
C LEU C 229 -11.07 30.28 13.30
N ILE C 230 -10.90 31.17 12.33
CA ILE C 230 -10.22 32.41 12.61
C ILE C 230 -11.21 33.30 13.35
N THR C 231 -10.82 33.64 14.58
CA THR C 231 -11.61 34.45 15.50
C THR C 231 -11.11 35.89 15.56
N THR C 232 -11.55 36.80 14.69
CA THR C 232 -11.18 38.24 14.72
C THR C 232 -11.63 39.29 13.68
N ALA D 1 -0.38 -36.23 -7.92
CA ALA D 1 -0.21 -35.13 -6.93
C ALA D 1 -1.39 -35.10 -5.98
N GLU D 2 -1.09 -34.98 -4.70
CA GLU D 2 -2.08 -34.93 -3.63
C GLU D 2 -2.09 -33.49 -3.12
N THR D 3 -3.13 -32.75 -3.47
CA THR D 3 -3.21 -31.34 -3.09
C THR D 3 -4.33 -30.99 -2.11
N VAL D 4 -4.00 -30.16 -1.12
CA VAL D 4 -4.96 -29.68 -0.12
C VAL D 4 -4.95 -28.15 -0.22
N SER D 5 -6.11 -27.55 -0.43
CA SER D 5 -6.17 -26.10 -0.49
C SER D 5 -7.46 -25.52 0.06
N PHE D 6 -7.34 -24.43 0.79
CA PHE D 6 -8.48 -23.76 1.38
C PHE D 6 -8.24 -22.27 1.42
N ASN D 7 -9.31 -21.49 1.59
CA ASN D 7 -9.21 -20.04 1.63
C ASN D 7 -10.29 -19.43 2.53
N PHE D 8 -9.89 -18.77 3.60
CA PHE D 8 -10.81 -18.11 4.51
C PHE D 8 -10.66 -16.61 4.40
N ASN D 9 -11.73 -15.91 4.03
CA ASN D 9 -11.72 -14.46 3.92
C ASN D 9 -12.33 -13.90 5.19
N SER D 10 -12.98 -14.79 5.94
CA SER D 10 -13.61 -14.45 7.20
C SER D 10 -13.91 -15.79 7.87
N PHE D 11 -13.89 -15.82 9.20
CA PHE D 11 -14.14 -17.04 9.96
C PHE D 11 -15.50 -16.96 10.67
N SER D 12 -16.03 -18.11 11.06
CA SER D 12 -17.31 -18.17 11.75
C SER D 12 -17.25 -19.28 12.81
N GLU D 13 -18.01 -19.09 13.89
CA GLU D 13 -18.00 -20.07 14.98
C GLU D 13 -18.46 -21.49 14.69
N GLY D 14 -19.47 -21.75 13.92
CA GLY D 14 -19.84 -23.14 13.67
C GLY D 14 -19.21 -23.80 12.47
N ASN D 15 -17.93 -23.59 12.27
CA ASN D 15 -17.28 -24.15 11.09
C ASN D 15 -16.49 -25.39 11.41
N PRO D 16 -16.97 -26.56 10.97
CA PRO D 16 -16.29 -27.83 11.23
C PRO D 16 -14.86 -27.93 10.67
N ALA D 17 -14.47 -27.01 9.80
CA ALA D 17 -13.13 -27.00 9.21
C ALA D 17 -12.11 -26.33 10.11
N ILE D 18 -12.58 -25.79 11.24
CA ILE D 18 -11.71 -25.07 12.13
C ILE D 18 -11.84 -25.56 13.58
N ASN D 19 -10.71 -25.74 14.25
CA ASN D 19 -10.67 -26.17 15.66
C ASN D 19 -10.27 -24.97 16.49
N PHE D 20 -11.03 -24.68 17.54
CA PHE D 20 -10.71 -23.59 18.43
C PHE D 20 -10.23 -24.19 19.74
N GLN D 21 -9.11 -23.68 20.25
CA GLN D 21 -8.55 -24.18 21.49
C GLN D 21 -8.29 -22.96 22.36
N GLY D 22 -8.55 -23.07 23.64
CA GLY D 22 -8.32 -21.94 24.53
C GLY D 22 -9.33 -20.81 24.44
N ASP D 23 -8.83 -19.61 24.71
CA ASP D 23 -9.63 -18.38 24.74
C ASP D 23 -10.02 -17.75 23.38
N VAL D 24 -9.89 -18.51 22.30
CA VAL D 24 -10.24 -18.00 20.97
C VAL D 24 -11.69 -17.56 20.96
N THR D 25 -11.97 -16.58 20.12
CA THR D 25 -13.31 -16.05 19.99
C THR D 25 -13.50 -15.46 18.57
N VAL D 26 -14.64 -15.71 17.94
CA VAL D 26 -14.86 -15.16 16.58
C VAL D 26 -15.72 -13.92 16.69
N LEU D 27 -15.14 -12.77 16.37
CA LEU D 27 -15.86 -11.50 16.42
C LEU D 27 -16.93 -11.45 15.33
N SER D 28 -17.85 -10.51 15.47
CA SER D 28 -18.93 -10.35 14.52
C SER D 28 -18.50 -9.90 13.14
N ASN D 29 -17.27 -9.40 13.00
CA ASN D 29 -16.77 -8.95 11.70
C ASN D 29 -16.06 -10.05 10.94
N GLY D 30 -16.00 -11.24 11.55
CA GLY D 30 -15.36 -12.37 10.91
C GLY D 30 -13.94 -12.65 11.39
N ASN D 31 -13.37 -11.70 12.10
CA ASN D 31 -12.02 -11.86 12.61
C ASN D 31 -11.98 -12.79 13.81
N ILE D 32 -10.85 -13.46 13.98
CA ILE D 32 -10.65 -14.35 15.10
C ILE D 32 -9.78 -13.57 16.10
N GLN D 33 -10.22 -13.50 17.35
CA GLN D 33 -9.45 -12.83 18.38
C GLN D 33 -8.87 -13.99 19.18
N LEU D 34 -7.56 -14.12 19.18
CA LEU D 34 -6.93 -15.24 19.86
C LEU D 34 -6.89 -15.24 21.38
N THR D 35 -6.74 -14.08 22.00
CA THR D 35 -6.65 -14.06 23.46
C THR D 35 -7.74 -13.25 24.15
N ASN D 36 -7.98 -13.59 25.42
CA ASN D 36 -8.97 -12.92 26.24
C ASN D 36 -8.27 -11.80 26.98
N LEU D 37 -8.68 -10.57 26.73
CA LEU D 37 -8.09 -9.40 27.36
C LEU D 37 -8.27 -9.28 28.86
N ASN D 38 -9.17 -10.09 29.41
CA ASN D 38 -9.49 -10.07 30.85
C ASN D 38 -8.95 -11.23 31.66
N LYS D 39 -8.38 -12.22 30.99
CA LYS D 39 -7.85 -13.37 31.67
C LYS D 39 -6.39 -13.21 31.94
N VAL D 40 -5.92 -13.78 33.05
CA VAL D 40 -4.50 -13.74 33.32
C VAL D 40 -3.89 -14.64 32.20
N ASN D 41 -2.86 -15.42 32.47
CA ASN D 41 -2.16 -16.12 31.36
C ASN D 41 -2.94 -16.73 30.21
N SER D 42 -3.61 -15.86 29.46
CA SER D 42 -4.48 -16.19 28.36
C SER D 42 -3.75 -16.82 27.21
N VAL D 43 -4.37 -17.83 26.63
CA VAL D 43 -3.83 -18.56 25.50
C VAL D 43 -4.98 -18.99 24.59
N GLY D 44 -4.82 -18.70 23.29
CA GLY D 44 -5.84 -19.05 22.33
C GLY D 44 -5.18 -19.54 21.07
N ARG D 45 -5.75 -20.58 20.45
CA ARG D 45 -5.19 -21.16 19.23
C ARG D 45 -6.29 -21.60 18.31
N VAL D 46 -6.03 -21.55 17.02
CA VAL D 46 -7.00 -21.96 16.02
C VAL D 46 -6.24 -22.86 15.04
N LEU D 47 -6.80 -24.02 14.72
CA LEU D 47 -6.14 -24.96 13.80
C LEU D 47 -7.05 -25.39 12.67
N TYR D 48 -6.47 -25.76 11.53
CA TYR D 48 -7.29 -26.24 10.42
C TYR D 48 -7.64 -27.65 10.86
N ALA D 49 -8.93 -27.96 10.92
CA ALA D 49 -9.44 -29.25 11.38
C ALA D 49 -8.88 -30.51 10.75
N MET D 50 -8.64 -30.46 9.46
CA MET D 50 -8.15 -31.61 8.75
C MET D 50 -6.65 -31.77 8.79
N PRO D 51 -6.16 -32.97 9.10
CA PRO D 51 -4.72 -33.17 9.13
C PRO D 51 -4.20 -33.16 7.71
N VAL D 52 -3.08 -32.51 7.49
CA VAL D 52 -2.46 -32.46 6.17
C VAL D 52 -1.29 -33.43 6.24
N ARG D 53 -1.16 -34.26 5.21
CA ARG D 53 -0.09 -35.22 5.13
C ARG D 53 1.07 -34.52 4.44
N ILE D 54 2.11 -34.16 5.20
CA ILE D 54 3.26 -33.48 4.62
C ILE D 54 4.40 -34.29 4.11
N TRP D 55 4.38 -35.57 4.39
CA TRP D 55 5.42 -36.44 3.88
C TRP D 55 4.95 -37.88 3.91
N SER D 56 5.45 -38.63 2.95
CA SER D 56 5.11 -40.02 2.80
C SER D 56 6.25 -40.90 3.27
N SER D 57 5.89 -41.98 3.93
CA SER D 57 6.83 -42.94 4.46
C SER D 57 7.13 -43.89 3.31
N ALA D 58 6.18 -44.02 2.39
CA ALA D 58 6.30 -44.91 1.24
C ALA D 58 7.40 -44.43 0.29
N THR D 59 7.22 -43.25 -0.26
CA THR D 59 8.16 -42.62 -1.18
C THR D 59 8.73 -41.59 -0.23
N GLY D 60 10.00 -41.39 -0.06
CA GLY D 60 10.41 -40.39 0.93
C GLY D 60 10.10 -38.95 0.57
N ASN D 61 8.99 -38.71 -0.13
CA ASN D 61 8.61 -37.35 -0.53
C ASN D 61 8.07 -36.41 0.55
N VAL D 62 8.40 -35.12 0.45
CA VAL D 62 7.92 -34.09 1.38
C VAL D 62 7.11 -33.11 0.51
N ALA D 63 6.10 -32.49 1.08
CA ALA D 63 5.25 -31.57 0.36
C ALA D 63 5.78 -30.14 0.35
N SER D 64 5.42 -29.42 -0.70
CA SER D 64 5.80 -28.03 -0.84
C SER D 64 4.52 -27.30 -0.53
N PHE D 65 4.61 -26.11 0.05
CA PHE D 65 3.39 -25.38 0.33
C PHE D 65 3.54 -23.87 0.20
N LEU D 66 2.43 -23.24 -0.15
CA LEU D 66 2.36 -21.79 -0.31
C LEU D 66 1.16 -21.36 0.54
N THR D 67 1.39 -20.44 1.48
CA THR D 67 0.33 -19.96 2.35
C THR D 67 0.55 -18.47 2.56
N SER D 68 -0.54 -17.73 2.76
CA SER D 68 -0.47 -16.31 3.02
C SER D 68 -1.65 -15.92 3.90
N PHE D 69 -1.39 -15.10 4.91
CA PHE D 69 -2.42 -14.66 5.84
C PHE D 69 -2.18 -13.22 6.27
N SER D 70 -3.10 -12.64 7.03
CA SER D 70 -2.94 -11.28 7.49
C SER D 70 -3.50 -11.18 8.89
N PHE D 71 -2.82 -10.42 9.74
CA PHE D 71 -3.23 -10.26 11.12
C PHE D 71 -3.14 -8.82 11.54
N GLU D 72 -3.54 -8.55 12.77
CA GLU D 72 -3.49 -7.21 13.31
C GLU D 72 -3.35 -7.33 14.81
N MET D 73 -2.43 -6.54 15.37
CA MET D 73 -2.21 -6.52 16.80
C MET D 73 -2.46 -5.08 17.19
N LYS D 74 -3.07 -4.89 18.34
CA LYS D 74 -3.41 -3.56 18.77
C LYS D 74 -3.27 -3.42 20.27
N ASP D 75 -2.80 -2.26 20.70
CA ASP D 75 -2.61 -1.95 22.10
C ASP D 75 -3.87 -1.67 22.85
N ILE D 76 -3.93 -2.26 24.03
CA ILE D 76 -5.03 -2.01 24.91
C ILE D 76 -4.36 -1.28 26.05
N LYS D 77 -5.15 -0.41 26.62
CA LYS D 77 -4.75 0.41 27.71
C LYS D 77 -4.24 -0.24 29.00
N ASP D 78 -3.23 0.42 29.56
CA ASP D 78 -2.69 -0.01 30.87
C ASP D 78 -1.95 -1.35 30.86
N TYR D 79 -1.77 -1.96 29.69
CA TYR D 79 -1.11 -3.25 29.61
C TYR D 79 -0.01 -3.18 28.59
N ASP D 80 1.04 -3.96 28.85
CA ASP D 80 2.17 -4.08 27.94
C ASP D 80 1.73 -4.87 26.72
N PRO D 81 1.95 -4.32 25.51
CA PRO D 81 1.55 -5.04 24.29
C PRO D 81 2.42 -6.29 24.15
N ALA D 82 1.86 -7.43 24.53
CA ALA D 82 2.56 -8.70 24.50
C ALA D 82 1.49 -9.80 24.36
N ASP D 83 1.87 -11.03 24.00
CA ASP D 83 3.25 -11.40 23.70
C ASP D 83 3.54 -11.65 22.24
N GLY D 84 2.51 -11.80 21.40
CA GLY D 84 2.77 -12.06 20.01
C GLY D 84 1.93 -13.16 19.40
N ILE D 85 2.17 -13.45 18.13
CA ILE D 85 1.44 -14.47 17.36
C ILE D 85 2.46 -15.44 16.74
N ILE D 86 2.07 -16.69 16.54
CA ILE D 86 2.94 -17.68 15.91
C ILE D 86 2.14 -18.58 14.98
N PHE D 87 2.60 -18.69 13.73
CA PHE D 87 1.97 -19.56 12.74
C PHE D 87 2.74 -20.83 12.92
N PHE D 88 2.06 -21.91 13.30
CA PHE D 88 2.78 -23.15 13.55
C PHE D 88 2.24 -24.39 12.87
N ILE D 89 3.10 -25.40 12.83
CA ILE D 89 2.84 -26.69 12.23
C ILE D 89 3.15 -27.68 13.37
N ALA D 90 2.18 -28.48 13.78
CA ALA D 90 2.40 -29.42 14.89
C ALA D 90 1.68 -30.76 14.66
N PRO D 91 2.02 -31.80 15.48
CA PRO D 91 1.43 -33.14 15.38
C PRO D 91 -0.09 -33.03 15.39
N GLU D 92 -0.78 -33.96 14.73
CA GLU D 92 -2.24 -33.87 14.68
C GLU D 92 -2.95 -33.91 16.01
N ASP D 93 -2.29 -34.40 17.06
CA ASP D 93 -2.88 -34.45 18.41
C ASP D 93 -2.54 -33.20 19.28
N THR D 94 -2.00 -32.16 18.65
CA THR D 94 -1.55 -30.97 19.38
C THR D 94 -2.61 -30.30 20.25
N GLN D 95 -2.22 -29.98 21.48
CA GLN D 95 -3.12 -29.31 22.44
C GLN D 95 -2.27 -28.29 23.17
N ILE D 96 -2.93 -27.33 23.83
CA ILE D 96 -2.22 -26.30 24.58
C ILE D 96 -1.45 -26.99 25.71
N PRO D 97 -0.16 -26.64 25.88
CA PRO D 97 0.64 -27.28 26.94
C PRO D 97 -0.10 -27.29 28.28
N ALA D 98 -0.06 -28.44 28.96
CA ALA D 98 -0.73 -28.60 30.25
C ALA D 98 -0.13 -27.65 31.30
N GLY D 99 -0.89 -26.70 31.79
CA GLY D 99 -0.38 -25.77 32.79
C GLY D 99 0.42 -24.64 32.17
N SER D 100 0.01 -24.24 30.97
CA SER D 100 0.65 -23.18 30.20
C SER D 100 0.62 -21.86 30.95
N ILE D 101 1.75 -21.17 30.93
CA ILE D 101 1.85 -19.89 31.61
C ILE D 101 1.63 -18.76 30.63
N GLY D 102 1.20 -19.07 29.41
CA GLY D 102 0.99 -18.02 28.44
C GLY D 102 2.28 -17.25 28.27
N GLY D 103 2.20 -15.93 28.25
CA GLY D 103 3.40 -15.12 28.12
C GLY D 103 4.30 -15.46 26.96
N GLY D 104 5.61 -15.49 27.20
CA GLY D 104 6.59 -15.80 26.18
C GLY D 104 6.58 -17.19 25.54
N THR D 105 5.74 -18.09 26.04
CA THR D 105 5.67 -19.45 25.47
C THR D 105 4.81 -19.44 24.20
N LEU D 106 4.15 -18.32 23.95
CA LEU D 106 3.27 -18.11 22.79
C LEU D 106 2.18 -19.19 22.61
N GLY D 107 1.88 -19.91 23.68
CA GLY D 107 0.87 -20.94 23.64
C GLY D 107 1.31 -22.24 22.97
N VAL D 108 2.58 -22.39 22.65
CA VAL D 108 3.02 -23.61 21.99
C VAL D 108 4.08 -24.41 22.72
N SER D 109 4.66 -23.83 23.76
CA SER D 109 5.72 -24.49 24.50
C SER D 109 5.49 -24.55 26.03
N ASP D 110 6.40 -25.26 26.71
CA ASP D 110 6.33 -25.35 28.16
C ASP D 110 7.07 -24.15 28.76
N THR D 111 7.32 -24.21 30.05
CA THR D 111 7.99 -23.14 30.76
C THR D 111 9.40 -22.82 30.27
N LYS D 112 10.13 -23.83 29.85
CA LYS D 112 11.48 -23.60 29.38
C LYS D 112 11.54 -23.24 27.91
N GLY D 113 10.39 -23.30 27.27
CA GLY D 113 10.27 -22.90 25.90
C GLY D 113 10.43 -24.02 24.93
N ALA D 114 10.21 -25.25 25.39
CA ALA D 114 10.34 -26.43 24.54
C ALA D 114 8.96 -26.94 24.15
N GLY D 115 8.87 -27.57 22.98
CA GLY D 115 7.60 -28.11 22.51
C GLY D 115 7.83 -28.88 21.22
N HIS D 116 6.79 -29.46 20.65
CA HIS D 116 6.94 -30.18 19.40
C HIS D 116 6.19 -29.43 18.32
N PHE D 117 6.91 -28.61 17.56
CA PHE D 117 6.30 -27.84 16.51
C PHE D 117 7.38 -27.13 15.69
N VAL D 118 6.96 -26.54 14.58
CA VAL D 118 7.82 -25.73 13.71
C VAL D 118 6.92 -24.55 13.39
N GLY D 119 7.46 -23.34 13.38
CA GLY D 119 6.63 -22.20 13.10
C GLY D 119 7.37 -20.87 12.94
N VAL D 120 6.61 -19.86 12.52
CA VAL D 120 7.12 -18.50 12.31
C VAL D 120 6.44 -17.64 13.37
N GLU D 121 7.24 -16.95 14.19
CA GLU D 121 6.70 -16.09 15.24
C GLU D 121 6.84 -14.60 14.97
N PHE D 122 5.89 -13.83 15.49
CA PHE D 122 5.87 -12.39 15.36
C PHE D 122 5.81 -11.90 16.81
N ASP D 123 6.98 -11.99 17.44
CA ASP D 123 7.21 -11.67 18.84
C ASP D 123 7.31 -10.19 19.16
N THR D 124 6.43 -9.71 20.02
CA THR D 124 6.39 -8.33 20.43
C THR D 124 6.90 -8.05 21.84
N TYR D 125 7.62 -8.99 22.42
CA TYR D 125 8.16 -8.81 23.76
C TYR D 125 9.43 -9.65 23.92
N SER D 126 10.45 -9.01 24.45
CA SER D 126 11.75 -9.65 24.65
C SER D 126 11.89 -10.44 25.95
N ASN D 127 11.80 -11.77 25.85
CA ASN D 127 11.93 -12.66 26.99
C ASN D 127 13.36 -13.12 27.01
N SER D 128 14.15 -12.58 27.93
CA SER D 128 15.55 -12.95 28.05
C SER D 128 15.72 -14.45 28.35
N GLU D 129 14.73 -15.04 29.02
CA GLU D 129 14.78 -16.46 29.35
C GLU D 129 14.74 -17.35 28.11
N TYR D 130 14.27 -16.79 26.99
CA TYR D 130 14.20 -17.52 25.74
C TYR D 130 15.20 -16.91 24.74
N ASN D 131 16.11 -16.11 25.26
CA ASN D 131 17.13 -15.46 24.45
C ASN D 131 16.58 -14.59 23.32
N ASP D 132 15.47 -13.92 23.61
CA ASP D 132 14.81 -13.04 22.65
C ASP D 132 15.66 -11.82 22.32
N PRO D 133 15.63 -11.36 21.04
CA PRO D 133 16.41 -10.18 20.64
C PRO D 133 15.84 -9.00 21.40
N PRO D 134 16.58 -7.91 21.50
CA PRO D 134 16.09 -6.73 22.22
C PRO D 134 14.97 -5.92 21.57
N THR D 135 14.59 -6.25 20.34
CA THR D 135 13.53 -5.53 19.64
C THR D 135 12.46 -6.50 19.16
N ASP D 136 11.37 -5.98 18.60
CA ASP D 136 10.31 -6.82 18.06
C ASP D 136 11.01 -7.61 16.96
N HIS D 137 10.55 -8.81 16.66
CA HIS D 137 11.21 -9.57 15.63
C HIS D 137 10.33 -10.70 15.09
N VAL D 138 10.74 -11.24 13.96
CA VAL D 138 10.08 -12.36 13.33
C VAL D 138 11.16 -13.43 13.50
N GLY D 139 10.78 -14.64 13.89
CA GLY D 139 11.76 -15.70 14.05
C GLY D 139 11.22 -17.03 13.61
N ILE D 140 12.13 -17.93 13.25
CA ILE D 140 11.77 -19.27 12.82
C ILE D 140 12.04 -20.18 14.02
N ASP D 141 10.99 -20.82 14.53
CA ASP D 141 11.09 -21.72 15.66
C ASP D 141 10.99 -23.18 15.30
N VAL D 142 11.93 -23.98 15.80
CA VAL D 142 11.93 -25.40 15.54
C VAL D 142 11.97 -26.06 16.91
N ASN D 143 10.82 -26.53 17.36
CA ASN D 143 10.68 -27.22 18.65
C ASN D 143 11.08 -26.38 19.85
N SER D 144 11.00 -25.05 19.74
CA SER D 144 11.38 -24.20 20.85
C SER D 144 11.14 -22.74 20.50
N VAL D 145 10.87 -21.91 21.52
CA VAL D 145 10.66 -20.47 21.27
C VAL D 145 11.96 -19.69 21.32
N ASP D 146 13.07 -20.42 21.43
CA ASP D 146 14.40 -19.82 21.43
C ASP D 146 14.66 -20.01 19.95
N SER D 147 14.23 -19.02 19.18
CA SER D 147 14.34 -19.02 17.73
C SER D 147 15.67 -19.44 17.13
N VAL D 148 15.57 -20.26 16.10
CA VAL D 148 16.73 -20.76 15.37
C VAL D 148 17.37 -19.57 14.65
N LYS D 149 16.53 -18.65 14.20
CA LYS D 149 16.98 -17.47 13.48
C LYS D 149 15.93 -16.40 13.62
N THR D 150 16.34 -15.16 13.82
CA THR D 150 15.40 -14.04 13.96
C THR D 150 15.86 -12.88 13.07
N VAL D 151 14.93 -11.97 12.80
CA VAL D 151 15.20 -10.78 11.99
C VAL D 151 14.44 -9.66 12.70
N PRO D 152 15.07 -8.48 12.86
CA PRO D 152 14.38 -7.37 13.53
C PRO D 152 13.15 -6.94 12.74
N TRP D 153 12.12 -6.49 13.44
CA TRP D 153 10.87 -6.10 12.80
C TRP D 153 10.28 -5.04 13.70
N ASN D 154 9.13 -4.50 13.30
CA ASN D 154 8.47 -3.48 14.08
C ASN D 154 6.96 -3.63 14.01
N SER D 155 6.35 -3.94 15.15
CA SER D 155 4.91 -4.13 15.23
C SER D 155 4.23 -2.80 15.42
N VAL D 156 3.34 -2.46 14.50
CA VAL D 156 2.61 -1.21 14.56
C VAL D 156 1.19 -1.49 14.98
N SER D 157 0.79 -0.87 16.09
CA SER D 157 -0.54 -1.02 16.64
C SER D 157 -1.64 -0.65 15.64
N GLY D 158 -2.59 -1.54 15.44
CA GLY D 158 -3.68 -1.28 14.52
C GLY D 158 -3.35 -1.40 13.06
N ALA D 159 -2.15 -1.86 12.75
CA ALA D 159 -1.72 -2.00 11.36
C ALA D 159 -2.00 -3.42 10.86
N VAL D 160 -2.54 -3.52 9.66
CA VAL D 160 -2.80 -4.83 9.06
C VAL D 160 -1.49 -5.30 8.40
N VAL D 161 -0.97 -6.43 8.85
CA VAL D 161 0.28 -6.97 8.30
C VAL D 161 -0.07 -8.15 7.40
N LYS D 162 0.64 -8.31 6.28
CA LYS D 162 0.40 -9.44 5.38
C LYS D 162 1.66 -10.29 5.33
N VAL D 163 1.49 -11.60 5.29
CA VAL D 163 2.60 -12.51 5.26
C VAL D 163 2.42 -13.55 4.16
N THR D 164 3.50 -13.98 3.55
CA THR D 164 3.46 -15.01 2.53
C THR D 164 4.60 -15.95 2.86
N VAL D 165 4.30 -17.24 2.88
CA VAL D 165 5.29 -18.27 3.23
C VAL D 165 5.37 -19.30 2.13
N ILE D 166 6.59 -19.69 1.76
CA ILE D 166 6.78 -20.70 0.72
C ILE D 166 7.76 -21.71 1.28
N TYR D 167 7.40 -22.98 1.23
CA TYR D 167 8.28 -24.04 1.68
C TYR D 167 8.57 -24.88 0.44
N ASP D 168 9.85 -24.97 0.05
CA ASP D 168 10.25 -25.75 -1.12
C ASP D 168 10.78 -27.09 -0.65
N SER D 169 10.05 -28.15 -0.99
CA SER D 169 10.42 -29.50 -0.59
C SER D 169 11.84 -29.92 -0.90
N SER D 170 12.33 -29.62 -2.11
CA SER D 170 13.68 -30.01 -2.54
C SER D 170 14.76 -29.46 -1.68
N THR D 171 14.78 -28.14 -1.55
CA THR D 171 15.80 -27.48 -0.76
C THR D 171 15.44 -27.43 0.71
N LYS D 172 14.21 -27.81 1.05
CA LYS D 172 13.76 -27.79 2.43
C LYS D 172 13.91 -26.39 2.98
N THR D 173 13.63 -25.40 2.14
CA THR D 173 13.78 -24.02 2.55
C THR D 173 12.44 -23.41 2.86
N LEU D 174 12.35 -22.75 4.02
CA LEU D 174 11.14 -22.06 4.46
C LEU D 174 11.42 -20.59 4.37
N SER D 175 10.70 -19.87 3.51
CA SER D 175 10.95 -18.44 3.40
C SER D 175 9.69 -17.66 3.61
N VAL D 176 9.85 -16.58 4.36
CA VAL D 176 8.76 -15.69 4.76
C VAL D 176 8.97 -14.28 4.25
N ALA D 177 7.88 -13.64 3.82
CA ALA D 177 7.92 -12.27 3.34
C ALA D 177 6.81 -11.55 4.07
N VAL D 178 7.19 -10.61 4.91
CA VAL D 178 6.24 -9.83 5.70
C VAL D 178 6.10 -8.43 5.12
N THR D 179 4.90 -8.08 4.69
CA THR D 179 4.65 -6.76 4.14
C THR D 179 4.06 -5.87 5.19
N ASN D 180 4.88 -4.98 5.74
CA ASN D 180 4.40 -4.06 6.73
C ASN D 180 3.41 -3.06 6.16
N ASP D 181 2.79 -2.32 7.06
CA ASP D 181 1.77 -1.32 6.75
C ASP D 181 2.37 -0.27 5.80
N ASN D 182 3.59 0.05 6.18
CA ASN D 182 4.54 0.97 5.63
C ASN D 182 4.90 0.79 4.14
N GLY D 183 4.70 -0.42 3.64
CA GLY D 183 5.04 -0.75 2.26
C GLY D 183 6.33 -1.54 2.29
N ASP D 184 7.14 -1.35 3.33
CA ASP D 184 8.42 -2.05 3.45
C ASP D 184 8.22 -3.55 3.68
N ILE D 185 9.08 -4.39 3.11
CA ILE D 185 8.99 -5.82 3.31
C ILE D 185 10.17 -6.29 4.14
N THR D 186 9.92 -7.33 4.93
CA THR D 186 10.90 -7.96 5.79
C THR D 186 10.91 -9.42 5.40
N THR D 187 12.09 -10.03 5.32
CA THR D 187 12.12 -11.42 4.94
C THR D 187 13.05 -12.20 5.86
N ILE D 188 12.83 -13.50 5.93
CA ILE D 188 13.68 -14.40 6.71
C ILE D 188 13.49 -15.76 6.04
N ALA D 189 14.55 -16.55 6.01
CA ALA D 189 14.52 -17.87 5.39
C ALA D 189 15.42 -18.79 6.19
N GLN D 190 15.08 -20.08 6.22
CA GLN D 190 15.84 -21.06 6.98
C GLN D 190 15.55 -22.45 6.44
N VAL D 191 16.58 -23.29 6.39
CA VAL D 191 16.44 -24.66 5.94
C VAL D 191 15.94 -25.49 7.13
N VAL D 192 14.75 -26.06 6.97
CA VAL D 192 14.12 -26.87 8.01
C VAL D 192 13.64 -28.15 7.34
N ASP D 193 14.05 -29.28 7.91
CA ASP D 193 13.65 -30.59 7.40
C ASP D 193 12.37 -31.04 8.12
N LEU D 194 11.23 -30.82 7.48
CA LEU D 194 9.95 -31.19 8.09
C LEU D 194 9.84 -32.67 8.39
N LYS D 195 10.39 -33.47 7.50
CA LYS D 195 10.34 -34.92 7.64
C LYS D 195 11.06 -35.45 8.87
N ALA D 196 12.10 -34.76 9.30
CA ALA D 196 12.84 -35.19 10.47
C ALA D 196 12.34 -34.60 11.78
N LYS D 197 11.59 -33.50 11.69
CA LYS D 197 11.09 -32.81 12.88
C LYS D 197 9.62 -33.07 13.18
N LEU D 198 8.82 -33.37 12.17
CA LEU D 198 7.39 -33.61 12.38
C LEU D 198 6.94 -34.94 11.83
N PRO D 199 5.77 -35.43 12.27
CA PRO D 199 5.25 -36.71 11.78
C PRO D 199 4.59 -36.59 10.40
N GLU D 200 4.12 -37.70 9.83
CA GLU D 200 3.52 -37.65 8.51
C GLU D 200 2.31 -36.76 8.42
N ARG D 201 1.47 -36.78 9.44
CA ARG D 201 0.29 -35.95 9.45
C ARG D 201 0.40 -34.90 10.53
N VAL D 202 0.16 -33.67 10.11
CA VAL D 202 0.24 -32.53 11.01
C VAL D 202 -0.95 -31.62 10.82
N LYS D 203 -1.02 -30.60 11.66
CA LYS D 203 -2.07 -29.60 11.61
C LYS D 203 -1.43 -28.22 11.68
N PHE D 204 -1.93 -27.33 10.83
CA PHE D 204 -1.45 -25.95 10.74
C PHE D 204 -2.39 -25.05 11.51
N GLY D 205 -1.88 -23.93 12.00
CA GLY D 205 -2.73 -23.02 12.72
C GLY D 205 -1.97 -21.84 13.29
N PHE D 206 -2.67 -21.06 14.10
CA PHE D 206 -2.12 -19.88 14.75
C PHE D 206 -2.28 -20.00 16.28
N SER D 207 -1.49 -19.25 17.02
CA SER D 207 -1.55 -19.24 18.47
C SER D 207 -1.01 -17.91 18.96
N ALA D 208 -1.53 -17.44 20.08
CA ALA D 208 -1.09 -16.18 20.66
C ALA D 208 -1.34 -16.29 22.14
N SER D 209 -0.71 -15.42 22.91
CA SER D 209 -0.85 -15.45 24.35
C SER D 209 -0.51 -14.13 25.01
N GLY D 210 -0.82 -14.06 26.31
CA GLY D 210 -0.55 -12.88 27.10
C GLY D 210 -0.15 -13.33 28.48
N SER D 211 0.12 -12.40 29.38
CA SER D 211 0.50 -12.73 30.74
C SER D 211 -0.43 -11.97 31.69
N LEU D 212 0.07 -11.60 32.86
CA LEU D 212 -0.73 -10.86 33.82
C LEU D 212 -0.67 -9.39 33.44
N GLY D 213 0.54 -8.88 33.22
CA GLY D 213 0.70 -7.49 32.86
C GLY D 213 0.81 -7.21 31.37
N GLY D 214 1.01 -8.27 30.59
CA GLY D 214 1.13 -8.11 29.17
C GLY D 214 -0.09 -8.64 28.45
N ARG D 215 -0.81 -7.75 27.78
CA ARG D 215 -2.01 -8.13 27.04
C ARG D 215 -2.22 -7.16 25.87
N GLN D 216 -2.74 -7.69 24.78
CA GLN D 216 -3.02 -6.90 23.61
C GLN D 216 -3.97 -7.69 22.70
N ILE D 217 -4.55 -7.01 21.72
CA ILE D 217 -5.47 -7.61 20.78
C ILE D 217 -4.68 -8.36 19.70
N HIS D 218 -4.95 -9.66 19.55
CA HIS D 218 -4.30 -10.49 18.53
C HIS D 218 -5.42 -10.94 17.61
N LEU D 219 -5.37 -10.54 16.34
CA LEU D 219 -6.43 -10.90 15.39
C LEU D 219 -5.90 -11.57 14.13
N ILE D 220 -6.69 -12.50 13.59
CA ILE D 220 -6.33 -13.18 12.36
C ILE D 220 -7.47 -12.78 11.45
N ARG D 221 -7.17 -12.17 10.33
CA ARG D 221 -8.20 -11.69 9.42
C ARG D 221 -8.51 -12.56 8.20
N SER D 222 -7.51 -13.26 7.67
CA SER D 222 -7.71 -14.12 6.50
C SER D 222 -6.60 -15.17 6.46
N TRP D 223 -6.79 -16.20 5.64
CA TRP D 223 -5.81 -17.27 5.53
C TRP D 223 -6.11 -18.17 4.32
N SER D 224 -5.14 -18.29 3.42
CA SER D 224 -5.27 -19.17 2.26
C SER D 224 -4.09 -20.13 2.37
N PHE D 225 -4.27 -21.34 1.87
CA PHE D 225 -3.23 -22.36 1.97
C PHE D 225 -3.37 -23.37 0.84
N THR D 226 -2.22 -23.84 0.34
CA THR D 226 -2.17 -24.83 -0.72
C THR D 226 -0.88 -25.63 -0.55
N SER D 227 -1.01 -26.95 -0.52
CA SER D 227 0.14 -27.83 -0.40
C SER D 227 -0.02 -28.90 -1.45
N THR D 228 1.10 -29.36 -2.00
CA THR D 228 1.10 -30.41 -3.01
C THR D 228 2.18 -31.42 -2.74
N LEU D 229 1.77 -32.67 -2.63
CA LEU D 229 2.71 -33.74 -2.35
C LEU D 229 2.75 -34.57 -3.60
N ILE D 230 3.94 -34.80 -4.10
CA ILE D 230 4.07 -35.62 -5.27
C ILE D 230 3.97 -37.05 -4.80
N THR D 231 3.02 -37.76 -5.40
CA THR D 231 2.64 -39.14 -5.06
C THR D 231 3.06 -40.06 -6.18
N THR D 232 4.27 -40.61 -6.13
CA THR D 232 4.72 -41.61 -7.11
C THR D 232 6.15 -42.19 -7.08
C1 NDG E . 12.90 -26.31 -38.55
C2 NDG E . 11.75 -25.12 -37.93
C3 NDG E . 12.18 -24.19 -37.00
C4 NDG E . 13.06 -24.84 -36.01
C5 NDG E . 14.42 -25.32 -36.59
C6 NDG E . 15.23 -26.24 -35.71
C7 NDG E . 10.37 -24.94 -39.99
C8 NDG E . 9.66 -24.21 -41.13
O5 NDG E . 14.27 -26.19 -37.74
O3 NDG E . 11.07 -23.54 -36.37
O4 NDG E . 13.41 -24.01 -34.90
O6 NDG E . 14.38 -27.30 -35.34
O7 NDG E . 10.57 -26.15 -40.19
N2 NDG E . 11.10 -24.31 -39.09
O1 NDG E . 13.30 -25.14 -39.54
C1 GAL E . 12.95 -24.49 -33.65
C2 GAL E . 13.51 -23.65 -32.54
C3 GAL E . 12.98 -24.04 -31.19
C4 GAL E . 11.42 -24.02 -31.23
C5 GAL E . 11.02 -25.01 -32.30
C6 GAL E . 9.55 -25.22 -32.44
O2 GAL E . 14.89 -23.81 -32.49
O3 GAL E . 13.51 -23.22 -30.20
O4 GAL E . 10.86 -22.74 -31.42
O5 GAL E . 11.54 -24.50 -33.54
O6 GAL E . 9.26 -26.24 -33.42
C1 NDG F . 21.51 43.58 -0.35
C2 NDG F . 21.77 41.91 0.06
C3 NDG F . 21.15 40.91 -0.72
C4 NDG F . 19.74 41.36 -1.01
C5 NDG F . 19.66 42.60 -1.96
C6 NDG F . 18.31 43.20 -2.07
C7 NDG F . 24.15 42.23 0.75
C8 NDG F . 25.64 41.88 0.81
O5 NDG F . 20.33 43.74 -1.42
O3 NDG F . 21.20 39.59 -0.03
O4 NDG F . 18.89 40.41 -1.62
O6 NDG F . 17.88 43.58 -0.77
O7 NDG F . 23.83 43.30 1.21
N2 NDG F . 23.31 41.47 0.04
O1 NDG F . 22.58 43.34 -1.44
C1 GAL F . 17.75 39.98 -0.86
C2 GAL F . 16.93 38.99 -1.64
C3 GAL F . 15.79 38.46 -0.84
C4 GAL F . 16.29 37.85 0.47
C5 GAL F . 17.05 38.93 1.23
C6 GAL F . 17.67 38.51 2.54
O2 GAL F . 16.32 39.60 -2.76
O3 GAL F . 15.09 37.53 -1.63
O4 GAL F . 17.06 36.69 0.33
O5 GAL F . 18.10 39.43 0.43
O6 GAL F . 18.27 39.61 3.20
C1 NDG G . -37.63 -6.45 -1.99
C2 NDG G . -36.55 -6.69 -0.77
C3 NDG G . -36.05 -5.52 0.06
C4 NDG G . -35.95 -4.33 -0.85
C5 NDG G . -37.30 -3.90 -1.48
C6 NDG G . -37.26 -2.86 -2.52
C7 NDG G . -36.82 -9.05 -0.07
C8 NDG G . -37.25 -10.11 1.00
O5 NDG G . -37.90 -4.89 -2.25
O3 NDG G . -34.88 -5.81 0.89
O4 NDG G . -35.38 -3.16 -0.29
O6 NDG G . -36.45 -3.34 -3.58
O7 NDG G . -36.73 -9.33 -1.24
N2 NDG G . -36.95 -7.80 0.22
O1 NDG G . -38.59 -6.59 -0.73
C1 GAL G . -34.18 -2.73 -0.88
C2 GAL G . -33.78 -1.42 -0.27
C3 GAL G . -32.41 -0.98 -0.74
C4 GAL G . -31.36 -2.10 -0.52
C5 GAL G . -31.87 -3.38 -1.19
C6 GAL G . -30.96 -4.60 -1.04
O2 GAL G . -34.69 -0.42 -0.61
O3 GAL G . -32.09 0.20 -0.02
O4 GAL G . -31.06 -2.33 0.84
O5 GAL G . -33.14 -3.71 -0.67
O6 GAL G . -31.40 -5.62 -1.92
C1 NDG H . 5.68 -8.81 36.53
C2 NDG H . 4.34 -8.73 35.37
C3 NDG H . 4.08 -9.84 34.53
C4 NDG H . 5.35 -10.45 34.12
C5 NDG H . 6.18 -11.05 35.27
C6 NDG H . 7.55 -11.45 34.95
C7 NDG H . 2.77 -7.07 36.49
C8 NDG H . 1.48 -6.65 37.09
O5 NDG H . 6.47 -10.14 36.33
O3 NDG H . 3.17 -9.47 33.51
O4 NDG H . 5.29 -11.45 33.12
O6 NDG H . 8.31 -10.35 34.48
O7 NDG H . 3.79 -6.33 36.69
N2 NDG H . 2.99 -8.29 36.03
O1 NDG H . 4.40 -9.54 37.22
C1 GAL H . 5.93 -11.15 31.93
C2 GAL H . 5.91 -12.36 31.03
C3 GAL H . 6.42 -11.98 29.63
C4 GAL H . 5.63 -10.79 29.04
C5 GAL H . 5.79 -9.65 30.04
C6 GAL H . 5.05 -8.42 29.66
O2 GAL H . 6.80 -13.32 31.61
O3 GAL H . 6.34 -13.09 28.75
O4 GAL H . 4.29 -11.08 28.78
O5 GAL H . 5.28 -10.03 31.29
O6 GAL H . 5.50 -7.35 30.49
CA CA I . 13.48 -24.12 -24.35
MN MN J . 14.49 -24.24 -20.60
CA CA K . 9.50 35.86 -1.17
MN MN L . 5.54 34.55 -2.47
CA CA M . -27.87 3.61 -2.26
MN MN N . -25.94 6.88 -3.53
CA CA O . 9.09 -13.02 23.31
MN MN P . 11.09 -14.11 20.00
#